data_9P99
#
_entry.id   9P99
#
_cell.length_a   1.00
_cell.length_b   1.00
_cell.length_c   1.00
_cell.angle_alpha   90.00
_cell.angle_beta   90.00
_cell.angle_gamma   90.00
#
_symmetry.space_group_name_H-M   'P 1'
#
loop_
_entity.id
_entity.type
_entity.pdbx_description
1 polymer 'Integrin alpha-E'
2 polymer 'Integrin beta-7'
3 polymer Cadherin-1
4 branched beta-D-mannopyranose-(1-4)-2-acetamido-2-deoxy-beta-D-glucopyranose-(1-4)-2-acetamido-2-deoxy-beta-D-glucopyranose
5 branched 2-acetamido-2-deoxy-beta-D-glucopyranose-(1-4)-2-acetamido-2-deoxy-beta-D-glucopyranose
6 non-polymer 2-acetamido-2-deoxy-beta-D-glucopyranose
7 non-polymer 'CALCIUM ION'
8 non-polymer 'MANGANESE (II) ION'
#
loop_
_entity_poly.entity_id
_entity_poly.type
_entity_poly.pdbx_seq_one_letter_code
_entity_poly.pdbx_strand_id
1 'polypeptide(L)'
;MWLFHTLLCIASLALLAAFNVDVARPWLTPKGGAPFVLSSLLHQDPSTNQTWLLVTSPRTKRTPGPLHRCSLVQDEILCH
PVEHVPIPKGRHRGVTVVRSHHGVLICIQVLVRRPHSLSSELTGTCSLLGPDLRPQAQANFFDLENLLDPDARVDTGDCY
SNKEGGGEDDVNTARQRRALEKEEEEDKEEEEDEEEEEAGTEIAIILDGSGSIDPPDFQRAKDFISNMMRNFYEKCFECN
FALVQYGGVIQTEFDLRDSQDVMASLARVQNITQVGSVTKTASAMQHVLDSIFTSSHGSRRKASKVMVVLTDGGIFEDPL
NLTTVINSPKMQGVERFAIGVGEEFKSARTARELNLIASDPDETHAFKVTNYMALDGLLSKLRYNIISMEGTVGDALHYQ
LAQIGFSAQILDERQVLLGAVGAFDWSGGALLYDTRSRRGRFLNQTAAAAADAEAAQYSYLGYAVAVLHKTCSLSYIAGA
PRYKHHGAVFELQKEGREASFLPVLEGEQMGSYFGSELCPVDIDMDGSTDFLLVAAPFYHVHGEEGRVYVYRLSEQDGSF
SLARILSGHPGFTNARFGFAMAAMGDLSQDKLTDVAIGAPLEGFGADDGASFGSVYIYNGHWDGLSASPSQRIRASTVAP
GLQYFGMSMAGGFDISGDGLADITVGTLGQAVVFRSRPVVRLKVSMAFTPSALPIGFNGVVNVRLCFEISSVTTASESGL
REALLNFTLDVDVGKQRRRLQCSDVRSCLGCLREWSSGSQLCEDLLLMPTEGELCEEDCFSNASVKVSYQLQTPEGQTDH
PQPILDRYTEPFAIFQLPYEKACKNKLFCVAELQLATTVSQQELVVGLTKELTLNINLTNSGEDSYMTSMALNYPRNLQL
KRMQKPPSPNIQCDDPQPVASVLIMNCRIGHPVLKRSSAHVSVVWQLEENAFPNRTADITVTVTNSNERRSLANETHTLQ
FRHGFVAVLSKPSIMYVNTGQGLSHHKEFLFHVHGENLFGAEYQLQICVPTKLRGLQVVAVKKLTRTQASTVCTWSQERA
CAYSSVQHVEEWHSVSCVIASDKENVTVAAEISWDHSEELLKDVTELQILGEISFNKSLYEGLNAENHRTKITVVFLKDE
KYHGTGGLEVLFQGPGENAQCEKELQALEKENAQLEWELQALEKELAQWSHPQFEK
;
A
2 'polypeptide(L)'
;MVALPMVLVLLLVLSRGESELDAKIPSTGDATEWRNPHLSMLGSCQPAPSCQKCILSHPSCAWCKQLNFTASGEAEARRC
ARREELLARGCPLEELEEPRGQQEVLQDQPLSQGARGEGATQLAPQRVRVTLRPGEPQQLQVRFLRAEGYPVDLYYLMDL
SYSMKDDLERVRQLGHALLVRLQEVTHSVRIGFGSFVDKTVLPFVSTVPSKLRHPCPTRLERCQSPFSFHHVLSLTGDAQ
AFEREVGRQSVSGNLDSPEGGFDAILQAALCQEQIGWRNVSRLLVFTSDDTFHTAGDGKLGGIFMPSDGHCHLDSNGLYS
RSTEFDYPSVGQVAQALSAANIQPIFAVTSAALPVYQELSKLIPKSAVGELSEDSSNVVQLIMDAYNSLSSTVTLEHSSL
PPGVHISYESQCEGPEKREGKAEDRGQCNHVRINQTVTFWVSLQATHCLPEPHLLRLRALGFSEELIVELHTLCDCNCSD
TQPQAPHCSDGQGHLQCGVCSCAPGRLGRLCECSVAELSSPDLESGCRAPNGTGPLCSGKGHCQCGRCSCSGQSSGHLCE
CDDASCERHEGILCGGFGRCQCGVCHCHANRTGRACECSGDMDSCISPEGGLCSGHGRCKCNRCQCLDGYYGALCDQCPG
CKTPCERHRDCAECGAFRTGPLATNCSTACAHTNVTLALAPILDDGWCKERTLDNQLFFFLVEDDARGTVVLRVRPQEKG
ADHDTSGLEVLFQGPGKNAQCKKKLQALKKKNAQLKWKLQALKKKLAQGGHHHHHH
;
B
3 'polypeptide(L)'
;MASMHHHHHHGSSMASMSDSEVNQEAKPEVKPEVKPETHINLKVSDGSSEIFFKIKKTTPLRRLMEAFAKRQGKEMDSLR
FLYDGIRIQADQTPEDLDMEDNDIIEAHREQIGGDWVIPPISCPENEKGPFPKNLVQIKSNKDKEGKVFYSITGQGADTP
PVGVFIIERETGWLKVTEPLDRERIATYTLFSHAVSSNGNAVEDPMEILITVTDQNDNKPEFTQEVFKGSVMEGALPGTS
VMEVTATDADDDVNTYNAAIAYTILSQDPELPDKNMFTINRNTGVISVVTTGLDRESFPTYTLVVQAADLQGEGLSTTAT
AVITVTDTNDN
;
C
#
# COMPACT_ATOMS: atom_id res chain seq x y z
N PHE A 19 34.66 -5.50 -14.74
CA PHE A 19 35.10 -6.58 -15.67
C PHE A 19 34.67 -6.24 -17.10
N ASN A 20 33.68 -6.97 -17.64
CA ASN A 20 33.27 -6.73 -19.02
C ASN A 20 32.49 -5.44 -19.17
N VAL A 21 31.55 -5.16 -18.28
CA VAL A 21 30.57 -4.10 -18.48
C VAL A 21 31.28 -2.76 -18.51
N ASP A 22 30.92 -1.93 -19.48
CA ASP A 22 31.61 -0.67 -19.74
C ASP A 22 30.81 0.46 -19.08
N VAL A 23 31.11 0.69 -17.80
CA VAL A 23 30.46 1.75 -17.06
C VAL A 23 30.94 3.13 -17.49
N ALA A 24 31.93 3.19 -18.39
CA ALA A 24 32.45 4.48 -18.84
C ALA A 24 31.42 5.29 -19.60
N ARG A 25 30.70 4.66 -20.54
CA ARG A 25 29.75 5.36 -21.41
C ARG A 25 28.39 4.70 -21.31
N PRO A 26 27.59 5.08 -20.31
CA PRO A 26 26.23 4.55 -20.22
C PRO A 26 25.24 5.42 -20.97
N TRP A 27 24.38 4.78 -21.74
CA TRP A 27 23.30 5.43 -22.46
C TRP A 27 22.08 5.52 -21.54
N LEU A 28 21.47 6.69 -21.48
CA LEU A 28 20.34 6.92 -20.59
C LEU A 28 19.17 7.50 -21.35
N THR A 29 17.97 7.10 -20.97
CA THR A 29 16.79 7.77 -21.47
C THR A 29 16.74 9.19 -20.90
N PRO A 30 16.12 10.14 -21.60
CA PRO A 30 16.13 11.52 -21.11
C PRO A 30 15.50 11.61 -19.72
N LYS A 31 16.10 12.44 -18.88
CA LYS A 31 15.68 12.50 -17.48
C LYS A 31 14.34 13.21 -17.34
N GLY A 32 13.48 12.63 -16.51
CA GLY A 32 12.23 13.28 -16.14
C GLY A 32 11.13 13.12 -17.16
N GLY A 33 11.42 13.46 -18.41
CA GLY A 33 10.42 13.32 -19.46
C GLY A 33 10.04 11.89 -19.71
N ALA A 34 9.06 11.74 -20.60
CA ALA A 34 8.51 10.44 -20.88
C ALA A 34 9.53 9.59 -21.63
N PRO A 35 9.46 8.28 -21.50
CA PRO A 35 8.57 7.48 -20.65
C PRO A 35 9.04 7.46 -19.21
N PHE A 36 8.15 7.08 -18.30
CA PHE A 36 8.53 6.78 -16.93
C PHE A 36 8.72 5.28 -16.85
N VAL A 37 9.98 4.84 -16.83
CA VAL A 37 10.29 3.43 -17.00
C VAL A 37 10.10 2.70 -15.68
N LEU A 38 9.20 1.73 -15.66
CA LEU A 38 9.06 0.81 -14.54
C LEU A 38 9.78 -0.50 -14.75
N SER A 39 10.04 -0.88 -16.00
CA SER A 39 10.80 -2.08 -16.29
C SER A 39 11.35 -2.00 -17.71
N SER A 40 12.51 -2.60 -17.92
CA SER A 40 13.16 -2.63 -19.21
C SER A 40 13.58 -4.06 -19.54
N LEU A 41 13.39 -4.46 -20.80
CA LEU A 41 13.78 -5.77 -21.27
C LEU A 41 14.11 -5.69 -22.75
N LEU A 42 15.24 -6.29 -23.13
CA LEU A 42 15.63 -6.34 -24.52
C LEU A 42 14.97 -7.52 -25.22
N HIS A 43 14.62 -7.33 -26.47
CA HIS A 43 13.99 -8.36 -27.28
C HIS A 43 14.63 -8.40 -28.65
N GLN A 44 14.93 -9.59 -29.12
CA GLN A 44 15.55 -9.80 -30.42
C GLN A 44 14.66 -10.70 -31.26
N ASP A 45 14.41 -10.29 -32.50
CA ASP A 45 13.63 -11.10 -33.42
C ASP A 45 14.55 -12.17 -34.03
N PRO A 46 14.26 -13.46 -33.83
CA PRO A 46 15.17 -14.48 -34.36
C PRO A 46 15.36 -14.42 -35.86
N SER A 47 14.33 -14.10 -36.63
CA SER A 47 14.42 -14.20 -38.07
C SER A 47 15.03 -12.96 -38.72
N THR A 48 15.20 -11.88 -37.96
CA THR A 48 15.73 -10.63 -38.51
C THR A 48 16.95 -10.11 -37.77
N ASN A 49 17.25 -10.61 -36.58
CA ASN A 49 18.33 -10.10 -35.75
C ASN A 49 18.22 -8.61 -35.49
N GLN A 50 17.00 -8.13 -35.27
CA GLN A 50 16.80 -6.76 -34.82
C GLN A 50 16.57 -6.73 -33.32
N THR A 51 17.25 -5.84 -32.63
CA THR A 51 17.14 -5.73 -31.18
C THR A 51 16.54 -4.40 -30.79
N TRP A 52 15.52 -4.43 -29.94
CA TRP A 52 14.89 -3.24 -29.40
C TRP A 52 14.97 -3.27 -27.89
N LEU A 53 14.89 -2.10 -27.28
CA LEU A 53 14.86 -1.96 -25.83
C LEU A 53 13.45 -1.56 -25.43
N LEU A 54 12.65 -2.55 -25.03
CA LEU A 54 11.26 -2.31 -24.67
C LEU A 54 11.16 -1.79 -23.24
N VAL A 55 10.28 -0.83 -23.02
CA VAL A 55 10.08 -0.22 -21.72
C VAL A 55 8.59 -0.07 -21.47
N THR A 56 8.15 -0.47 -20.28
CA THR A 56 6.78 -0.25 -19.85
C THR A 56 6.72 1.00 -18.97
N SER A 57 5.61 1.71 -19.04
CA SER A 57 5.44 2.93 -18.27
C SER A 57 4.00 3.05 -17.83
N PRO A 58 3.74 3.72 -16.71
CA PRO A 58 2.35 3.93 -16.28
C PRO A 58 1.66 4.99 -17.12
N ARG A 59 0.34 5.06 -16.96
CA ARG A 59 -0.45 6.01 -17.73
C ARG A 59 -0.34 7.40 -17.14
N THR A 60 -0.19 8.40 -18.01
CA THR A 60 -0.23 9.81 -17.64
C THR A 60 -0.82 10.58 -18.82
N LYS A 61 -1.00 11.88 -18.63
CA LYS A 61 -1.50 12.72 -19.71
C LYS A 61 -0.51 12.81 -20.86
N ARG A 62 0.75 12.40 -20.65
CA ARG A 62 1.78 12.52 -21.67
C ARG A 62 2.10 11.18 -22.34
N THR A 63 2.18 10.11 -21.56
CA THR A 63 2.57 8.81 -22.09
C THR A 63 1.50 8.28 -23.04
N PRO A 64 1.84 7.86 -24.26
CA PRO A 64 0.81 7.40 -25.20
C PRO A 64 0.32 5.97 -24.94
N GLY A 65 1.07 5.14 -24.23
CA GLY A 65 0.68 3.77 -24.01
C GLY A 65 1.49 3.11 -22.91
N PRO A 66 1.26 1.80 -22.70
CA PRO A 66 2.00 1.07 -21.67
C PRO A 66 3.27 0.39 -22.14
N LEU A 67 3.62 0.48 -23.43
CA LEU A 67 4.82 -0.15 -23.95
C LEU A 67 5.43 0.72 -25.04
N HIS A 68 6.75 0.87 -25.01
CA HIS A 68 7.50 1.61 -26.01
C HIS A 68 8.68 0.77 -26.46
N ARG A 69 9.10 0.97 -27.71
CA ARG A 69 10.30 0.34 -28.22
C ARG A 69 11.34 1.41 -28.56
N CYS A 70 12.53 1.26 -27.98
CA CYS A 70 13.56 2.29 -28.07
C CYS A 70 14.84 1.69 -28.63
N SER A 71 15.42 2.37 -29.63
CA SER A 71 16.62 1.89 -30.29
C SER A 71 17.63 3.02 -30.35
N LEU A 72 18.90 2.65 -30.47
CA LEU A 72 20.01 3.59 -30.31
C LEU A 72 20.32 4.23 -31.66
N VAL A 73 20.08 5.53 -31.77
CA VAL A 73 20.38 6.30 -32.97
C VAL A 73 21.07 7.59 -32.55
N GLN A 74 22.17 7.93 -33.22
CA GLN A 74 22.97 9.11 -32.86
C GLN A 74 23.41 9.06 -31.41
N ASP A 75 23.78 7.87 -30.93
CA ASP A 75 24.22 7.67 -29.56
C ASP A 75 23.19 8.19 -28.56
N GLU A 76 21.91 8.12 -28.93
CA GLU A 76 20.82 8.53 -28.05
C GLU A 76 19.71 7.50 -28.13
N ILE A 77 19.13 7.19 -26.97
CA ILE A 77 18.02 6.25 -26.92
C ILE A 77 16.75 7.03 -27.25
N LEU A 78 16.12 6.71 -28.38
CA LEU A 78 14.90 7.35 -28.83
C LEU A 78 13.75 6.35 -28.76
N CYS A 79 12.58 6.83 -28.36
CA CYS A 79 11.47 5.95 -28.00
C CYS A 79 10.21 6.26 -28.80
N HIS A 80 9.41 5.22 -29.05
CA HIS A 80 8.15 5.32 -29.76
C HIS A 80 7.16 4.35 -29.14
N PRO A 81 5.86 4.55 -29.36
CA PRO A 81 4.88 3.63 -28.78
C PRO A 81 4.62 2.42 -29.67
N VAL A 82 4.41 1.27 -29.04
CA VAL A 82 3.99 0.07 -29.74
C VAL A 82 2.50 0.21 -30.05
N GLU A 83 2.08 -0.36 -31.19
CA GLU A 83 0.79 0.02 -31.75
C GLU A 83 -0.37 -0.72 -31.10
N HIS A 84 -0.40 -2.05 -31.22
CA HIS A 84 -1.60 -2.82 -30.92
C HIS A 84 -1.65 -3.32 -29.48
N VAL A 85 -0.78 -2.82 -28.60
CA VAL A 85 -0.85 -3.18 -27.19
C VAL A 85 -2.16 -2.66 -26.60
N PRO A 86 -2.75 -3.30 -25.60
CA PRO A 86 -3.97 -2.75 -24.99
C PRO A 86 -3.70 -1.42 -24.30
N ILE A 87 -4.76 -0.64 -24.17
CA ILE A 87 -4.69 0.74 -23.67
C ILE A 87 -5.10 0.74 -22.20
N PRO A 88 -4.23 1.13 -21.27
CA PRO A 88 -4.68 1.31 -19.89
C PRO A 88 -5.61 2.50 -19.77
N LYS A 89 -6.46 2.46 -18.74
CA LYS A 89 -7.39 3.55 -18.47
C LYS A 89 -7.53 3.71 -16.96
N GLY A 90 -7.53 4.97 -16.51
CA GLY A 90 -7.67 5.23 -15.09
C GLY A 90 -6.35 5.09 -14.36
N ARG A 91 -6.45 4.71 -13.09
CA ARG A 91 -5.26 4.56 -12.25
C ARG A 91 -4.33 3.49 -12.83
N HIS A 92 -3.10 3.50 -12.36
CA HIS A 92 -2.17 2.41 -12.69
C HIS A 92 -2.42 1.22 -11.78
N ARG A 93 -2.48 0.03 -12.38
CA ARG A 93 -2.78 -1.17 -11.62
C ARG A 93 -1.91 -2.36 -12.00
N GLY A 94 -0.91 -2.19 -12.86
CA GLY A 94 0.02 -3.28 -13.16
C GLY A 94 0.16 -3.53 -14.63
N VAL A 95 1.40 -3.48 -15.11
CA VAL A 95 1.74 -3.81 -16.49
C VAL A 95 2.85 -4.85 -16.43
N THR A 96 2.57 -6.05 -16.95
CA THR A 96 3.54 -7.11 -17.04
C THR A 96 3.95 -7.29 -18.49
N VAL A 97 5.25 -7.37 -18.73
CA VAL A 97 5.79 -7.71 -20.04
C VAL A 97 6.83 -8.79 -19.86
N VAL A 98 6.65 -9.90 -20.56
CA VAL A 98 7.59 -11.02 -20.51
C VAL A 98 7.92 -11.38 -21.95
N ARG A 99 9.08 -12.02 -22.11
CA ARG A 99 9.67 -12.20 -23.43
C ARG A 99 10.15 -13.63 -23.58
N SER A 100 10.07 -14.12 -24.81
CA SER A 100 10.66 -15.41 -25.19
C SER A 100 10.89 -15.36 -26.68
N HIS A 101 11.74 -16.26 -27.17
CA HIS A 101 12.04 -16.22 -28.60
C HIS A 101 10.83 -16.51 -29.46
N HIS A 102 9.70 -16.88 -28.86
CA HIS A 102 8.45 -17.04 -29.59
C HIS A 102 7.62 -15.75 -29.67
N GLY A 103 7.66 -14.90 -28.66
CA GLY A 103 6.96 -13.64 -28.74
C GLY A 103 7.02 -12.88 -27.43
N VAL A 104 6.25 -11.79 -27.39
CA VAL A 104 6.12 -10.92 -26.23
C VAL A 104 4.67 -10.98 -25.74
N LEU A 105 4.49 -11.00 -24.43
CA LEU A 105 3.18 -11.09 -23.80
C LEU A 105 3.04 -9.92 -22.84
N ILE A 106 2.03 -9.08 -23.05
CA ILE A 106 1.83 -7.86 -22.27
C ILE A 106 0.46 -7.91 -21.64
N CYS A 107 0.42 -7.90 -20.30
CA CYS A 107 -0.81 -7.98 -19.53
C CYS A 107 -1.03 -6.65 -18.81
N ILE A 108 -2.29 -6.24 -18.70
CA ILE A 108 -2.66 -4.98 -18.08
C ILE A 108 -3.85 -5.24 -17.17
N GLN A 109 -3.69 -4.95 -15.88
CA GLN A 109 -4.77 -5.15 -14.93
C GLN A 109 -5.83 -4.07 -15.11
N VAL A 110 -7.09 -4.50 -15.20
CA VAL A 110 -8.20 -3.64 -15.60
C VAL A 110 -9.31 -3.79 -14.58
N LEU A 111 -10.16 -2.76 -14.51
CA LEU A 111 -11.25 -2.69 -13.55
C LEU A 111 -12.58 -2.70 -14.29
N VAL A 112 -13.50 -3.54 -13.83
CA VAL A 112 -14.85 -3.64 -14.40
C VAL A 112 -15.84 -3.79 -13.28
N ARG A 113 -16.98 -3.10 -13.38
CA ARG A 113 -18.05 -3.21 -12.41
C ARG A 113 -19.30 -3.73 -13.11
N ARG A 114 -19.95 -4.71 -12.50
CA ARG A 114 -21.17 -5.26 -13.09
C ARG A 114 -22.39 -4.61 -12.47
N PRO A 115 -23.53 -4.59 -13.17
CA PRO A 115 -24.72 -3.93 -12.65
C PRO A 115 -25.15 -4.50 -11.30
N HIS A 116 -25.52 -3.60 -10.39
CA HIS A 116 -26.10 -3.98 -9.10
C HIS A 116 -25.11 -4.74 -8.23
N SER A 117 -23.83 -4.71 -8.58
CA SER A 117 -22.80 -5.27 -7.73
C SER A 117 -22.10 -4.16 -6.97
N LEU A 118 -21.99 -4.33 -5.66
CA LEU A 118 -21.43 -3.32 -4.79
C LEU A 118 -19.92 -3.40 -4.68
N SER A 119 -19.30 -4.39 -5.32
CA SER A 119 -17.85 -4.51 -5.34
C SER A 119 -17.42 -4.88 -6.77
N SER A 120 -16.18 -4.54 -7.10
CA SER A 120 -15.72 -4.59 -8.47
C SER A 120 -14.73 -5.73 -8.69
N GLU A 121 -14.65 -6.19 -9.93
CA GLU A 121 -13.74 -7.24 -10.33
C GLU A 121 -12.44 -6.64 -10.82
N LEU A 122 -11.37 -7.45 -10.78
CA LEU A 122 -10.03 -6.98 -11.10
C LEU A 122 -9.25 -8.14 -11.71
N THR A 123 -9.26 -8.23 -13.03
CA THR A 123 -8.59 -9.29 -13.75
C THR A 123 -7.77 -8.69 -14.88
N GLY A 124 -7.07 -9.56 -15.60
CA GLY A 124 -6.12 -9.09 -16.57
C GLY A 124 -6.67 -9.01 -17.99
N THR A 125 -5.99 -8.23 -18.81
CA THR A 125 -6.20 -8.18 -20.25
C THR A 125 -4.86 -8.33 -20.93
N CYS A 126 -4.72 -9.35 -21.78
CA CYS A 126 -3.42 -9.75 -22.28
C CYS A 126 -3.42 -9.80 -23.79
N SER A 127 -2.31 -9.39 -24.38
CA SER A 127 -2.11 -9.40 -25.82
C SER A 127 -0.75 -10.01 -26.13
N LEU A 128 -0.74 -11.03 -26.98
CA LEU A 128 0.47 -11.75 -27.33
C LEU A 128 0.91 -11.30 -28.71
N LEU A 129 2.03 -10.59 -28.76
CA LEU A 129 2.64 -10.18 -30.02
C LEU A 129 3.70 -11.20 -30.40
N GLY A 130 4.00 -11.29 -31.70
CA GLY A 130 4.94 -12.25 -32.17
C GLY A 130 6.37 -11.78 -32.03
N PRO A 131 7.30 -12.51 -32.66
CA PRO A 131 8.71 -12.12 -32.59
C PRO A 131 8.99 -10.75 -33.18
N ASP A 132 8.10 -10.22 -34.01
CA ASP A 132 8.28 -8.93 -34.65
C ASP A 132 7.29 -7.89 -34.13
N LEU A 133 6.71 -8.13 -32.96
CA LEU A 133 5.80 -7.20 -32.28
C LEU A 133 4.52 -6.93 -33.07
N ARG A 134 4.19 -7.77 -34.05
CA ARG A 134 2.87 -7.75 -34.64
C ARG A 134 1.90 -8.52 -33.76
N PRO A 135 0.60 -8.23 -33.84
CA PRO A 135 -0.34 -8.82 -32.88
C PRO A 135 -0.81 -10.19 -33.35
N GLN A 136 -0.86 -11.14 -32.41
CA GLN A 136 -1.25 -12.52 -32.71
C GLN A 136 -2.50 -12.97 -31.97
N ALA A 137 -2.57 -12.77 -30.66
CA ALA A 137 -3.66 -13.32 -29.87
C ALA A 137 -4.13 -12.30 -28.86
N GLN A 138 -5.38 -12.46 -28.43
CA GLN A 138 -6.02 -11.55 -27.49
C GLN A 138 -6.76 -12.36 -26.44
N ALA A 139 -6.89 -11.80 -25.24
CA ALA A 139 -7.50 -12.51 -24.13
C ALA A 139 -8.07 -11.51 -23.13
N ASN A 140 -9.30 -11.77 -22.69
CA ASN A 140 -9.98 -10.93 -21.70
C ASN A 140 -10.54 -11.87 -20.64
N PHE A 141 -9.94 -11.85 -19.45
CA PHE A 141 -10.22 -12.87 -18.44
C PHE A 141 -11.35 -12.42 -17.51
N PHE A 142 -12.48 -12.08 -18.12
CA PHE A 142 -13.73 -11.85 -17.42
C PHE A 142 -14.67 -12.99 -17.77
N ASP A 143 -15.43 -13.46 -16.78
CA ASP A 143 -16.16 -14.72 -16.91
C ASP A 143 -15.18 -15.87 -17.11
N LEU A 144 -14.24 -16.00 -16.18
CA LEU A 144 -13.22 -17.03 -16.30
C LEU A 144 -13.82 -18.44 -16.28
N GLU A 145 -14.94 -18.61 -15.58
CA GLU A 145 -15.61 -19.90 -15.56
C GLU A 145 -15.92 -20.42 -16.95
N ASN A 146 -16.15 -19.54 -17.93
CA ASN A 146 -16.33 -19.97 -19.30
C ASN A 146 -15.04 -20.51 -19.90
N LEU A 147 -13.94 -19.79 -19.72
CA LEU A 147 -12.67 -20.17 -20.32
C LEU A 147 -12.14 -21.50 -19.81
N LEU A 148 -12.57 -21.93 -18.63
CA LEU A 148 -11.98 -23.10 -18.01
C LEU A 148 -12.48 -24.38 -18.66
N ASP A 149 -11.58 -25.35 -18.77
CA ASP A 149 -11.92 -26.68 -19.27
C ASP A 149 -11.12 -27.65 -18.42
N PRO A 150 -11.71 -28.13 -17.32
CA PRO A 150 -10.92 -28.88 -16.33
C PRO A 150 -10.37 -30.21 -16.80
N ASP A 151 -10.54 -30.57 -18.08
CA ASP A 151 -9.93 -31.77 -18.63
C ASP A 151 -8.73 -31.46 -19.52
N ALA A 152 -8.28 -30.22 -19.58
CA ALA A 152 -7.25 -29.84 -20.55
C ALA A 152 -5.90 -30.41 -20.15
N ARG A 153 -5.38 -31.32 -20.98
CA ARG A 153 -4.14 -32.00 -20.66
C ARG A 153 -3.03 -30.99 -20.41
N VAL A 154 -2.23 -31.26 -19.38
CA VAL A 154 -1.07 -30.42 -19.07
C VAL A 154 0.14 -31.09 -19.69
N ASP A 155 0.80 -30.40 -20.62
CA ASP A 155 1.87 -31.00 -21.37
C ASP A 155 3.23 -30.67 -20.75
N THR A 156 4.09 -31.67 -20.68
CA THR A 156 5.45 -31.49 -20.18
C THR A 156 6.50 -32.12 -21.07
N GLY A 157 6.11 -32.82 -22.13
CA GLY A 157 7.06 -33.44 -23.03
C GLY A 157 7.44 -34.84 -22.62
N ALA A 199 -25.33 3.12 -11.47
CA ALA A 199 -25.44 4.22 -10.52
C ALA A 199 -26.52 3.93 -9.49
N GLY A 200 -26.58 4.76 -8.45
CA GLY A 200 -27.58 4.60 -7.42
C GLY A 200 -28.92 5.15 -7.84
N THR A 201 -29.87 5.10 -6.91
CA THR A 201 -31.22 5.60 -7.13
C THR A 201 -31.51 6.70 -6.12
N GLU A 202 -32.41 7.61 -6.48
CA GLU A 202 -32.83 8.71 -5.64
C GLU A 202 -34.35 8.76 -5.65
N ILE A 203 -34.95 8.77 -4.46
CA ILE A 203 -36.39 8.75 -4.32
C ILE A 203 -36.82 10.09 -3.75
N ALA A 204 -37.76 10.73 -4.41
CA ALA A 204 -38.33 11.99 -3.94
C ALA A 204 -39.76 11.74 -3.47
N ILE A 205 -40.01 11.99 -2.20
CA ILE A 205 -41.32 11.80 -1.59
C ILE A 205 -42.02 13.14 -1.58
N ILE A 206 -43.16 13.21 -2.26
CA ILE A 206 -43.97 14.41 -2.30
C ILE A 206 -45.24 14.08 -1.52
N LEU A 207 -45.38 14.70 -0.36
CA LEU A 207 -46.40 14.36 0.61
C LEU A 207 -47.43 15.47 0.68
N ASP A 208 -48.70 15.11 0.61
CA ASP A 208 -49.80 16.06 0.57
C ASP A 208 -50.26 16.35 1.99
N GLY A 209 -49.90 17.52 2.50
CA GLY A 209 -50.47 18.07 3.70
C GLY A 209 -51.35 19.26 3.45
N SER A 210 -52.17 19.19 2.40
CA SER A 210 -52.88 20.35 1.89
C SER A 210 -54.16 20.68 2.65
N GLY A 211 -54.50 19.92 3.68
CA GLY A 211 -55.85 19.90 4.18
C GLY A 211 -56.68 18.91 3.38
N SER A 212 -57.98 18.91 3.65
CA SER A 212 -58.87 17.86 3.15
C SER A 212 -58.31 16.48 3.47
N ILE A 213 -57.41 16.43 4.45
CA ILE A 213 -56.75 15.21 4.91
C ILE A 213 -56.71 15.28 6.42
N ASP A 214 -57.56 14.53 7.08
CA ASP A 214 -57.61 14.63 8.53
C ASP A 214 -56.29 14.13 9.13
N PRO A 215 -55.96 14.57 10.34
CA PRO A 215 -54.66 14.23 10.92
C PRO A 215 -54.41 12.74 10.96
N PRO A 216 -55.43 11.91 11.19
CA PRO A 216 -55.19 10.45 11.14
C PRO A 216 -54.62 9.98 9.82
N ASP A 217 -55.12 10.51 8.70
CA ASP A 217 -54.55 10.16 7.40
C ASP A 217 -53.13 10.67 7.25
N PHE A 218 -52.83 11.86 7.77
CA PHE A 218 -51.47 12.35 7.76
C PHE A 218 -50.56 11.40 8.50
N GLN A 219 -51.01 10.91 9.66
CA GLN A 219 -50.19 10.00 10.44
C GLN A 219 -49.98 8.67 9.71
N ARG A 220 -51.03 8.18 9.03
CA ARG A 220 -50.86 6.96 8.24
C ARG A 220 -49.85 7.15 7.12
N ALA A 221 -49.91 8.28 6.43
CA ALA A 221 -48.94 8.57 5.38
C ALA A 221 -47.54 8.66 5.97
N LYS A 222 -47.42 9.24 7.16
CA LYS A 222 -46.12 9.36 7.82
C LYS A 222 -45.56 7.98 8.12
N ASP A 223 -46.41 7.09 8.61
CA ASP A 223 -45.98 5.72 8.88
C ASP A 223 -45.55 5.01 7.60
N PHE A 224 -46.28 5.23 6.51
CA PHE A 224 -45.89 4.65 5.23
C PHE A 224 -44.49 5.13 4.84
N ILE A 225 -44.25 6.44 4.97
CA ILE A 225 -42.94 6.99 4.65
C ILE A 225 -41.87 6.30 5.47
N SER A 226 -42.09 6.19 6.77
CA SER A 226 -41.08 5.63 7.65
C SER A 226 -40.80 4.17 7.31
N ASN A 227 -41.84 3.39 7.05
CA ASN A 227 -41.64 1.97 6.77
C ASN A 227 -40.91 1.76 5.45
N MET A 228 -41.34 2.46 4.39
CA MET A 228 -40.65 2.39 3.13
C MET A 228 -39.19 2.80 3.29
N MET A 229 -38.94 3.87 4.02
CA MET A 229 -37.57 4.36 4.21
C MET A 229 -36.71 3.31 4.91
N ARG A 230 -37.23 2.73 5.99
CA ARG A 230 -36.45 1.74 6.71
C ARG A 230 -36.14 0.54 5.84
N ASN A 231 -37.14 0.03 5.11
CA ASN A 231 -36.89 -1.13 4.26
C ASN A 231 -35.86 -0.81 3.19
N PHE A 232 -35.96 0.39 2.60
CA PHE A 232 -35.06 0.74 1.51
C PHE A 232 -33.64 0.92 2.01
N TYR A 233 -33.48 1.47 3.21
CA TYR A 233 -32.13 1.57 3.78
C TYR A 233 -31.59 0.20 4.15
N GLU A 234 -32.44 -0.70 4.63
CA GLU A 234 -31.98 -2.03 5.02
C GLU A 234 -31.54 -2.84 3.82
N LYS A 235 -32.34 -2.86 2.76
CA LYS A 235 -32.15 -3.79 1.66
C LYS A 235 -31.63 -3.16 0.38
N CYS A 236 -31.54 -1.84 0.30
CA CYS A 236 -30.92 -1.14 -0.82
C CYS A 236 -29.83 -0.24 -0.27
N PHE A 237 -28.62 -0.39 -0.81
CA PHE A 237 -27.48 0.35 -0.27
C PHE A 237 -27.28 1.68 -0.98
N GLU A 238 -27.41 1.69 -2.31
CA GLU A 238 -27.12 2.91 -3.07
C GLU A 238 -28.35 3.78 -3.21
N CYS A 239 -29.32 3.62 -2.32
CA CYS A 239 -30.56 4.38 -2.35
C CYS A 239 -30.41 5.63 -1.48
N ASN A 240 -30.83 6.77 -2.00
CA ASN A 240 -30.86 8.02 -1.25
C ASN A 240 -32.25 8.64 -1.38
N PHE A 241 -32.64 9.40 -0.37
CA PHE A 241 -34.01 9.86 -0.25
C PHE A 241 -34.08 11.38 -0.19
N ALA A 242 -35.26 11.90 -0.51
CA ALA A 242 -35.60 13.30 -0.32
C ALA A 242 -37.07 13.36 0.05
N LEU A 243 -37.48 14.48 0.62
CA LEU A 243 -38.85 14.61 1.10
C LEU A 243 -39.30 16.05 0.93
N VAL A 244 -40.58 16.22 0.61
CA VAL A 244 -41.17 17.52 0.34
C VAL A 244 -42.63 17.47 0.76
N GLN A 245 -43.16 18.62 1.15
CA GLN A 245 -44.53 18.72 1.61
C GLN A 245 -45.15 20.00 1.08
N TYR A 246 -46.27 19.86 0.37
CA TYR A 246 -46.72 20.96 -0.49
C TYR A 246 -48.12 21.45 -0.16
N GLY A 247 -48.60 21.25 1.05
CA GLY A 247 -49.85 21.88 1.42
C GLY A 247 -49.71 23.39 1.43
N GLY A 248 -50.23 24.06 0.41
CA GLY A 248 -50.07 25.49 0.26
C GLY A 248 -48.73 25.85 -0.33
N VAL A 249 -47.87 26.48 0.47
CA VAL A 249 -46.49 26.72 0.07
C VAL A 249 -45.82 25.35 -0.07
N ILE A 250 -44.69 25.30 -0.77
CA ILE A 250 -43.91 24.09 -0.88
C ILE A 250 -42.77 24.18 0.13
N GLN A 251 -42.57 23.10 0.88
CA GLN A 251 -41.76 23.13 2.09
C GLN A 251 -40.93 21.84 2.14
N THR A 252 -39.64 21.96 1.88
CA THR A 252 -38.75 20.81 1.98
C THR A 252 -38.52 20.47 3.45
N GLU A 253 -38.67 19.20 3.80
CA GLU A 253 -38.46 18.75 5.18
C GLU A 253 -37.06 18.19 5.38
N PHE A 254 -36.54 17.43 4.42
CA PHE A 254 -35.14 17.09 4.40
C PHE A 254 -34.73 16.79 2.97
N ASP A 255 -33.45 17.03 2.68
CA ASP A 255 -32.93 17.02 1.32
C ASP A 255 -32.09 15.77 1.08
N LEU A 256 -31.65 15.60 -0.17
CA LEU A 256 -30.78 14.48 -0.49
C LEU A 256 -29.50 14.52 0.33
N ARG A 257 -28.98 15.71 0.60
CA ARG A 257 -27.77 15.82 1.41
C ARG A 257 -27.99 15.31 2.83
N ASP A 258 -29.21 15.45 3.35
CA ASP A 258 -29.50 14.94 4.69
C ASP A 258 -29.56 13.41 4.68
N SER A 259 -29.92 12.81 3.55
CA SER A 259 -30.09 11.36 3.49
C SER A 259 -28.80 10.61 3.72
N GLN A 260 -27.64 11.28 3.67
CA GLN A 260 -26.39 10.60 3.95
C GLN A 260 -26.35 10.04 5.36
N ASP A 261 -27.21 10.53 6.26
CA ASP A 261 -27.35 10.01 7.61
C ASP A 261 -28.71 9.34 7.73
N VAL A 262 -28.71 8.02 7.81
CA VAL A 262 -29.97 7.28 7.83
C VAL A 262 -30.77 7.65 9.07
N MET A 263 -30.14 7.68 10.24
CA MET A 263 -30.86 7.91 11.47
C MET A 263 -31.49 9.30 11.51
N ALA A 264 -30.76 10.33 11.09
CA ALA A 264 -31.31 11.67 11.13
C ALA A 264 -32.50 11.83 10.19
N SER A 265 -32.37 11.32 8.97
CA SER A 265 -33.48 11.41 8.02
C SER A 265 -34.69 10.64 8.52
N LEU A 266 -34.48 9.44 9.07
CA LEU A 266 -35.60 8.68 9.60
C LEU A 266 -36.21 9.36 10.82
N ALA A 267 -35.39 10.10 11.56
CA ALA A 267 -35.89 10.76 12.77
C ALA A 267 -36.71 12.00 12.45
N ARG A 268 -36.35 12.73 11.39
CA ARG A 268 -37.13 13.92 11.07
C ARG A 268 -38.45 13.59 10.39
N VAL A 269 -38.66 12.32 10.00
CA VAL A 269 -39.94 11.95 9.42
C VAL A 269 -41.05 12.09 10.45
N GLN A 270 -40.97 11.33 11.54
CA GLN A 270 -42.04 11.27 12.53
C GLN A 270 -42.24 12.59 13.27
N ASN A 271 -41.49 13.63 12.94
CA ASN A 271 -41.62 14.93 13.60
C ASN A 271 -42.27 15.99 12.71
N ILE A 272 -42.55 15.69 11.44
CA ILE A 272 -43.09 16.69 10.53
C ILE A 272 -44.51 17.05 10.94
N THR A 273 -44.87 18.32 10.77
CA THR A 273 -46.18 18.84 11.12
C THR A 273 -46.92 19.28 9.86
N GLN A 274 -48.24 19.29 9.94
CA GLN A 274 -49.08 19.51 8.77
C GLN A 274 -49.18 21.00 8.45
N VAL A 275 -49.56 21.31 7.21
CA VAL A 275 -49.62 22.71 6.76
C VAL A 275 -50.95 23.08 6.11
N GLY A 276 -51.90 22.15 6.00
CA GLY A 276 -53.24 22.48 5.57
C GLY A 276 -53.26 23.26 4.26
N SER A 277 -54.15 24.26 4.22
CA SER A 277 -54.29 25.20 3.10
C SER A 277 -54.86 24.55 1.84
N VAL A 278 -54.08 24.47 0.77
CA VAL A 278 -54.61 24.16 -0.56
C VAL A 278 -53.70 23.13 -1.23
N THR A 279 -54.25 22.41 -2.21
CA THR A 279 -53.61 21.22 -2.77
C THR A 279 -52.92 21.55 -4.09
N LYS A 280 -51.65 21.95 -3.99
CA LYS A 280 -50.86 22.33 -5.16
C LYS A 280 -49.90 21.20 -5.55
N THR A 281 -50.42 20.22 -6.28
CA THR A 281 -49.58 19.11 -6.71
C THR A 281 -48.63 19.53 -7.82
N ALA A 282 -49.11 20.31 -8.79
CA ALA A 282 -48.30 20.65 -9.95
C ALA A 282 -47.10 21.48 -9.54
N SER A 283 -47.32 22.50 -8.72
CA SER A 283 -46.21 23.33 -8.28
C SER A 283 -45.24 22.54 -7.42
N ALA A 284 -45.74 21.63 -6.60
CA ALA A 284 -44.87 20.78 -5.80
C ALA A 284 -43.96 19.94 -6.68
N MET A 285 -44.52 19.34 -7.72
CA MET A 285 -43.73 18.51 -8.63
C MET A 285 -42.73 19.34 -9.41
N GLN A 286 -43.13 20.52 -9.87
CA GLN A 286 -42.20 21.38 -10.58
C GLN A 286 -41.05 21.80 -9.68
N HIS A 287 -41.34 22.11 -8.41
CA HIS A 287 -40.28 22.44 -7.47
C HIS A 287 -39.37 21.26 -7.22
N VAL A 288 -39.93 20.05 -7.12
CA VAL A 288 -39.09 18.87 -6.91
C VAL A 288 -38.15 18.69 -8.09
N LEU A 289 -38.66 18.85 -9.31
CA LEU A 289 -37.81 18.73 -10.48
C LEU A 289 -36.74 19.82 -10.52
N ASP A 290 -37.10 21.05 -10.15
CA ASP A 290 -36.21 22.19 -10.34
C ASP A 290 -35.25 22.42 -9.18
N SER A 291 -35.47 21.82 -8.01
CA SER A 291 -34.66 22.16 -6.85
C SER A 291 -34.27 20.96 -5.99
N ILE A 292 -34.60 19.72 -6.38
CA ILE A 292 -34.19 18.55 -5.61
C ILE A 292 -33.43 17.60 -6.52
N PHE A 293 -34.01 17.27 -7.67
CA PHE A 293 -33.29 16.48 -8.66
C PHE A 293 -32.40 17.39 -9.49
N THR A 294 -31.56 18.18 -8.83
CA THR A 294 -30.61 19.06 -9.51
C THR A 294 -29.29 18.99 -8.76
N SER A 295 -28.19 19.17 -9.49
CA SER A 295 -26.86 19.08 -8.89
C SER A 295 -26.63 20.15 -7.83
N SER A 296 -27.40 21.24 -7.84
CA SER A 296 -27.25 22.28 -6.83
C SER A 296 -27.67 21.80 -5.45
N HIS A 297 -28.37 20.67 -5.35
CA HIS A 297 -28.83 20.13 -4.08
C HIS A 297 -28.42 18.67 -3.92
N GLY A 298 -27.31 18.27 -4.51
CA GLY A 298 -26.75 16.95 -4.27
C GLY A 298 -27.23 15.84 -5.19
N SER A 299 -28.07 16.14 -6.17
CA SER A 299 -28.53 15.11 -7.09
C SER A 299 -27.39 14.72 -8.04
N ARG A 300 -27.23 13.42 -8.26
CA ARG A 300 -26.20 12.92 -9.15
C ARG A 300 -26.71 12.81 -10.58
N ARG A 301 -25.78 12.93 -11.53
CA ARG A 301 -26.15 12.96 -12.94
C ARG A 301 -26.71 11.61 -13.39
N LYS A 302 -26.00 10.52 -13.10
CA LYS A 302 -26.33 9.23 -13.67
C LYS A 302 -27.33 8.44 -12.83
N ALA A 303 -27.53 8.81 -11.58
CA ALA A 303 -28.38 8.01 -10.69
C ALA A 303 -29.81 7.97 -11.23
N SER A 304 -30.40 6.77 -11.19
CA SER A 304 -31.82 6.65 -11.53
C SER A 304 -32.64 7.48 -10.56
N LYS A 305 -33.76 8.01 -11.07
CA LYS A 305 -34.59 8.92 -10.30
C LYS A 305 -36.01 8.37 -10.23
N VAL A 306 -36.60 8.44 -9.04
CA VAL A 306 -37.91 7.90 -8.76
C VAL A 306 -38.68 8.89 -7.91
N MET A 307 -40.01 8.81 -7.95
CA MET A 307 -40.89 9.67 -7.18
C MET A 307 -41.97 8.84 -6.49
N VAL A 308 -42.50 9.37 -5.40
CA VAL A 308 -43.59 8.77 -4.66
C VAL A 308 -44.53 9.89 -4.27
N VAL A 309 -45.53 10.14 -5.11
CA VAL A 309 -46.56 11.13 -4.83
C VAL A 309 -47.58 10.49 -3.91
N LEU A 310 -47.77 11.09 -2.73
CA LEU A 310 -48.61 10.54 -1.66
C LEU A 310 -49.69 11.60 -1.45
N THR A 311 -50.74 11.51 -2.24
CA THR A 311 -51.70 12.58 -2.42
C THR A 311 -53.11 12.03 -2.39
N ASP A 312 -54.07 12.91 -2.17
CA ASP A 312 -55.48 12.53 -2.21
C ASP A 312 -56.11 12.76 -3.57
N GLY A 313 -55.33 13.15 -4.57
CA GLY A 313 -55.88 13.37 -5.90
C GLY A 313 -56.96 14.41 -5.94
N GLY A 314 -56.77 15.53 -5.26
CA GLY A 314 -57.80 16.53 -5.16
C GLY A 314 -57.36 17.89 -5.64
N ILE A 315 -56.51 17.92 -6.67
CA ILE A 315 -55.84 19.15 -7.07
C ILE A 315 -56.81 20.32 -7.01
N PHE A 316 -56.34 21.44 -6.48
CA PHE A 316 -57.18 22.58 -6.20
C PHE A 316 -56.33 23.84 -6.29
N GLU A 317 -56.72 24.74 -7.19
CA GLU A 317 -56.12 26.07 -7.28
C GLU A 317 -54.61 25.99 -7.47
N ASP A 318 -54.19 25.45 -8.61
CA ASP A 318 -52.79 25.34 -8.93
C ASP A 318 -52.53 25.94 -10.31
N PRO A 319 -51.63 26.91 -10.44
CA PRO A 319 -51.47 27.58 -11.74
C PRO A 319 -51.08 26.65 -12.88
N LEU A 320 -50.29 25.63 -12.60
CA LEU A 320 -49.67 24.82 -13.64
C LEU A 320 -50.52 23.59 -13.94
N ASN A 321 -50.96 23.49 -15.19
CA ASN A 321 -51.64 22.29 -15.65
C ASN A 321 -50.75 21.08 -15.37
N LEU A 322 -51.33 20.02 -14.81
CA LEU A 322 -50.49 18.89 -14.43
C LEU A 322 -49.94 18.17 -15.65
N THR A 323 -50.55 18.38 -16.82
CA THR A 323 -49.94 17.90 -18.06
C THR A 323 -48.81 18.79 -18.51
N THR A 324 -48.86 20.08 -18.15
CA THR A 324 -47.72 20.96 -18.44
C THR A 324 -46.45 20.45 -17.78
N VAL A 325 -46.58 19.63 -16.74
CA VAL A 325 -45.42 19.15 -16.01
C VAL A 325 -45.06 17.73 -16.40
N ILE A 326 -46.06 16.87 -16.58
CA ILE A 326 -45.77 15.47 -16.86
C ILE A 326 -45.19 15.30 -18.26
N ASN A 327 -45.57 16.18 -19.18
CA ASN A 327 -45.02 16.17 -20.53
C ASN A 327 -43.83 17.11 -20.69
N SER A 328 -43.34 17.68 -19.60
CA SER A 328 -42.24 18.64 -19.68
C SER A 328 -40.95 17.92 -20.04
N PRO A 329 -39.95 18.66 -20.50
CA PRO A 329 -38.66 18.02 -20.81
C PRO A 329 -38.02 17.33 -19.62
N LYS A 330 -38.16 17.89 -18.42
CA LYS A 330 -37.39 17.39 -17.28
C LYS A 330 -37.96 16.06 -16.75
N MET A 331 -39.24 15.80 -16.95
CA MET A 331 -39.81 14.54 -16.48
C MET A 331 -39.36 13.36 -17.33
N GLN A 332 -38.67 13.59 -18.43
CA GLN A 332 -38.12 12.48 -19.18
C GLN A 332 -37.14 11.70 -18.30
N GLY A 333 -37.35 10.38 -18.22
CA GLY A 333 -36.47 9.52 -17.45
C GLY A 333 -36.76 9.44 -15.97
N VAL A 334 -37.87 10.03 -15.50
CA VAL A 334 -38.21 10.03 -14.09
C VAL A 334 -39.41 9.12 -13.88
N GLU A 335 -39.26 8.14 -12.99
CA GLU A 335 -40.34 7.23 -12.66
C GLU A 335 -41.29 7.91 -11.69
N ARG A 336 -42.53 7.41 -11.64
CA ARG A 336 -43.55 7.99 -10.79
C ARG A 336 -44.42 6.89 -10.20
N PHE A 337 -44.60 6.95 -8.89
CA PHE A 337 -45.53 6.08 -8.17
C PHE A 337 -46.56 6.95 -7.47
N ALA A 338 -47.82 6.64 -7.66
CA ALA A 338 -48.89 7.32 -6.96
C ALA A 338 -49.39 6.46 -5.81
N ILE A 339 -49.94 7.11 -4.80
CA ILE A 339 -50.53 6.44 -3.65
C ILE A 339 -51.65 7.33 -3.12
N GLY A 340 -52.79 6.73 -2.83
CA GLY A 340 -53.93 7.50 -2.37
C GLY A 340 -54.05 7.51 -0.86
N VAL A 341 -53.86 8.68 -0.26
CA VAL A 341 -53.89 8.83 1.20
C VAL A 341 -55.33 9.06 1.62
N GLY A 342 -55.74 8.41 2.71
CA GLY A 342 -57.13 8.51 3.15
C GLY A 342 -58.07 7.82 2.18
N GLU A 343 -59.30 8.32 2.12
CA GLU A 343 -60.29 7.78 1.20
C GLU A 343 -61.26 8.89 0.82
N GLU A 344 -61.07 9.46 -0.38
CA GLU A 344 -62.08 10.29 -1.01
C GLU A 344 -62.22 9.95 -2.49
N PHE A 345 -61.91 8.71 -2.86
CA PHE A 345 -62.05 8.23 -4.23
C PHE A 345 -63.46 7.80 -4.56
N LYS A 346 -64.44 8.67 -4.33
CA LYS A 346 -65.83 8.35 -4.66
C LYS A 346 -66.15 8.61 -6.12
N SER A 347 -65.28 9.31 -6.85
CA SER A 347 -65.57 9.76 -8.19
C SER A 347 -64.40 9.47 -9.10
N ALA A 348 -64.63 9.57 -10.41
CA ALA A 348 -63.62 9.18 -11.38
C ALA A 348 -62.53 10.24 -11.52
N ARG A 349 -62.81 11.49 -11.13
CA ARG A 349 -61.81 12.53 -11.30
C ARG A 349 -60.58 12.25 -10.46
N THR A 350 -60.79 11.82 -9.21
CA THR A 350 -59.65 11.47 -8.37
C THR A 350 -58.84 10.33 -8.98
N ALA A 351 -59.53 9.33 -9.52
CA ALA A 351 -58.82 8.20 -10.12
C ALA A 351 -58.00 8.65 -11.32
N ARG A 352 -58.58 9.49 -12.17
CA ARG A 352 -57.85 9.94 -13.35
C ARG A 352 -56.64 10.78 -12.96
N GLU A 353 -56.80 11.67 -11.99
CA GLU A 353 -55.65 12.45 -11.53
C GLU A 353 -54.57 11.55 -10.95
N LEU A 354 -54.97 10.61 -10.10
CA LEU A 354 -54.01 9.73 -9.44
C LEU A 354 -53.26 8.89 -10.45
N ASN A 355 -53.95 8.41 -11.49
CA ASN A 355 -53.29 7.61 -12.52
C ASN A 355 -52.46 8.45 -13.47
N LEU A 356 -52.87 9.68 -13.76
CA LEU A 356 -52.02 10.56 -14.55
C LEU A 356 -50.71 10.82 -13.82
N ILE A 357 -50.78 10.97 -12.49
CA ILE A 357 -49.55 11.01 -11.69
C ILE A 357 -48.78 9.71 -11.87
N ALA A 358 -49.49 8.59 -11.87
CA ALA A 358 -48.83 7.30 -11.97
C ALA A 358 -48.15 7.16 -13.32
N SER A 359 -47.09 6.36 -13.36
CA SER A 359 -46.40 6.14 -14.62
C SER A 359 -47.31 5.39 -15.59
N ASP A 360 -46.81 5.18 -16.80
CA ASP A 360 -47.63 4.58 -17.85
C ASP A 360 -48.22 3.23 -17.46
N PRO A 361 -47.45 2.27 -16.94
CA PRO A 361 -48.04 0.98 -16.57
C PRO A 361 -48.77 1.06 -15.24
N ASP A 362 -50.04 1.47 -15.27
CA ASP A 362 -50.75 1.78 -14.03
C ASP A 362 -50.73 0.60 -13.07
N GLU A 363 -50.64 -0.62 -13.59
CA GLU A 363 -50.44 -1.77 -12.71
C GLU A 363 -49.15 -1.58 -11.92
N THR A 364 -49.22 -1.83 -10.62
CA THR A 364 -48.10 -1.65 -9.70
C THR A 364 -47.52 -0.25 -9.76
N HIS A 365 -48.36 0.77 -10.00
CA HIS A 365 -47.99 2.17 -9.82
C HIS A 365 -49.11 2.98 -9.21
N ALA A 366 -50.07 2.33 -8.56
CA ALA A 366 -51.09 2.99 -7.77
C ALA A 366 -51.52 2.01 -6.68
N PHE A 367 -51.69 2.52 -5.46
CA PHE A 367 -51.90 1.65 -4.32
C PHE A 367 -52.70 2.42 -3.28
N LYS A 368 -52.73 1.87 -2.08
CA LYS A 368 -53.28 2.53 -0.90
C LYS A 368 -52.28 2.40 0.24
N VAL A 369 -52.27 3.39 1.13
CA VAL A 369 -51.28 3.41 2.20
C VAL A 369 -51.35 2.15 3.04
N THR A 370 -52.51 1.48 3.09
CA THR A 370 -52.66 0.31 3.93
C THR A 370 -51.80 -0.86 3.47
N ASN A 371 -51.41 -0.89 2.20
CA ASN A 371 -50.65 -1.98 1.61
C ASN A 371 -49.17 -1.62 1.63
N TYR A 372 -48.51 -1.96 2.74
CA TYR A 372 -47.08 -1.69 2.86
C TYR A 372 -46.26 -2.45 1.84
N MET A 373 -46.82 -3.49 1.22
CA MET A 373 -46.14 -4.21 0.14
C MET A 373 -46.21 -3.47 -1.18
N ALA A 374 -46.58 -2.18 -1.17
CA ALA A 374 -46.86 -1.48 -2.42
C ALA A 374 -45.63 -1.35 -3.28
N LEU A 375 -44.49 -0.98 -2.68
CA LEU A 375 -43.34 -0.54 -3.45
C LEU A 375 -42.28 -1.64 -3.61
N ASP A 376 -42.70 -2.90 -3.72
CA ASP A 376 -41.83 -3.91 -4.26
C ASP A 376 -41.59 -3.62 -5.74
N GLY A 377 -40.77 -4.44 -6.39
CA GLY A 377 -40.36 -4.15 -7.74
C GLY A 377 -39.18 -3.21 -7.72
N LEU A 378 -39.31 -2.10 -6.99
CA LEU A 378 -38.15 -1.28 -6.68
C LEU A 378 -37.22 -2.01 -5.70
N LEU A 379 -37.79 -2.61 -4.67
CA LEU A 379 -37.01 -3.40 -3.72
C LEU A 379 -36.62 -4.75 -4.32
N SER A 380 -37.33 -5.17 -5.36
CA SER A 380 -37.00 -6.42 -6.03
C SER A 380 -35.91 -6.24 -7.08
N LYS A 381 -35.83 -5.05 -7.68
CA LYS A 381 -34.86 -4.80 -8.74
C LYS A 381 -33.59 -4.14 -8.23
N LEU A 382 -33.67 -3.42 -7.12
CA LEU A 382 -32.54 -2.71 -6.57
C LEU A 382 -31.75 -3.55 -5.57
N ARG A 383 -32.02 -4.85 -5.49
CA ARG A 383 -31.29 -5.70 -4.57
C ARG A 383 -29.82 -5.80 -5.01
N TYR A 384 -28.94 -5.89 -4.01
CA TYR A 384 -27.51 -5.86 -4.24
C TYR A 384 -26.87 -7.13 -3.70
N ASN A 385 -25.62 -7.36 -4.10
CA ASN A 385 -24.81 -8.47 -3.62
C ASN A 385 -23.43 -7.96 -3.28
N ILE A 386 -22.88 -8.47 -2.18
CA ILE A 386 -21.58 -8.05 -1.67
C ILE A 386 -20.64 -9.24 -1.72
N ILE A 387 -19.40 -8.99 -2.11
CA ILE A 387 -18.34 -9.97 -1.95
C ILE A 387 -17.97 -10.01 -0.47
N SER A 388 -18.06 -11.21 0.13
CA SER A 388 -17.75 -11.38 1.54
C SER A 388 -16.44 -10.67 1.88
N MET A 389 -16.49 -9.80 2.88
CA MET A 389 -15.37 -8.90 3.18
C MET A 389 -15.18 -8.76 4.67
N GLU A 390 -14.15 -9.40 5.20
CA GLU A 390 -13.52 -8.99 6.46
C GLU A 390 -14.52 -8.92 7.60
N GLY A 391 -15.35 -9.94 7.76
CA GLY A 391 -16.24 -10.02 8.89
C GLY A 391 -17.70 -10.21 8.54
N THR A 392 -18.06 -9.93 7.29
CA THR A 392 -19.45 -10.01 6.87
C THR A 392 -19.72 -11.29 6.09
N VAL A 393 -20.99 -11.65 5.98
CA VAL A 393 -21.38 -12.74 5.11
C VAL A 393 -21.54 -12.20 3.68
N GLY A 394 -21.34 -13.09 2.71
CA GLY A 394 -21.53 -12.72 1.34
C GLY A 394 -21.07 -13.82 0.40
N ASP A 395 -20.99 -13.46 -0.88
CA ASP A 395 -20.51 -14.39 -1.89
C ASP A 395 -19.04 -14.70 -1.66
N ALA A 396 -18.69 -15.97 -1.78
CA ALA A 396 -17.30 -16.38 -1.62
C ALA A 396 -16.44 -15.81 -2.74
N LEU A 397 -15.17 -15.63 -2.45
CA LEU A 397 -14.22 -15.17 -3.46
C LEU A 397 -13.76 -16.37 -4.28
N HIS A 398 -14.23 -16.47 -5.51
CA HIS A 398 -13.73 -17.51 -6.41
C HIS A 398 -12.75 -16.93 -7.43
N TYR A 399 -13.24 -16.07 -8.29
CA TYR A 399 -12.45 -15.50 -9.37
C TYR A 399 -12.65 -14.00 -9.52
N GLN A 400 -13.38 -13.36 -8.61
CA GLN A 400 -13.72 -11.96 -8.79
C GLN A 400 -12.48 -11.08 -8.80
N LEU A 401 -11.50 -11.39 -7.94
CA LEU A 401 -10.28 -10.60 -7.84
C LEU A 401 -9.05 -11.46 -8.11
N ALA A 402 -9.09 -12.29 -9.15
CA ALA A 402 -8.03 -13.26 -9.39
C ALA A 402 -6.72 -12.59 -9.80
N GLN A 403 -6.80 -11.49 -10.56
CA GLN A 403 -5.61 -10.82 -11.07
C GLN A 403 -4.79 -11.76 -11.93
N ILE A 404 -5.46 -12.48 -12.83
CA ILE A 404 -4.76 -13.34 -13.77
C ILE A 404 -3.90 -12.48 -14.68
N GLY A 405 -2.66 -12.91 -14.88
CA GLY A 405 -1.67 -12.11 -15.58
C GLY A 405 -0.72 -11.37 -14.68
N PHE A 406 -0.79 -11.59 -13.37
CA PHE A 406 0.12 -10.91 -12.46
C PHE A 406 1.56 -11.28 -12.77
N SER A 407 1.83 -12.55 -13.02
CA SER A 407 3.09 -13.02 -13.57
C SER A 407 2.77 -13.81 -14.82
N ALA A 408 3.79 -14.08 -15.62
CA ALA A 408 3.53 -14.72 -16.90
C ALA A 408 4.79 -15.40 -17.42
N GLN A 409 4.58 -16.41 -18.26
CA GLN A 409 5.68 -17.15 -18.88
C GLN A 409 5.18 -17.74 -20.19
N ILE A 410 5.79 -17.35 -21.30
CA ILE A 410 5.41 -17.90 -22.59
C ILE A 410 6.12 -19.25 -22.77
N LEU A 411 5.34 -20.32 -22.85
CA LEU A 411 5.89 -21.67 -22.97
C LEU A 411 6.14 -22.05 -24.41
N ASP A 412 5.21 -21.75 -25.29
CA ASP A 412 5.32 -22.12 -26.70
C ASP A 412 4.52 -21.11 -27.51
N GLU A 413 4.49 -21.29 -28.82
CA GLU A 413 3.80 -20.35 -29.68
C GLU A 413 2.31 -20.26 -29.38
N ARG A 414 1.74 -21.24 -28.70
CA ARG A 414 0.32 -21.30 -28.44
C ARG A 414 -0.05 -21.03 -26.99
N GLN A 415 0.78 -21.46 -26.04
CA GLN A 415 0.40 -21.52 -24.64
C GLN A 415 1.18 -20.52 -23.80
N VAL A 416 0.51 -19.99 -22.78
CA VAL A 416 1.12 -19.10 -21.81
C VAL A 416 0.65 -19.54 -20.43
N LEU A 417 1.42 -19.19 -19.40
CA LEU A 417 1.12 -19.55 -18.02
C LEU A 417 1.06 -18.28 -17.20
N LEU A 418 -0.09 -18.01 -16.60
CA LEU A 418 -0.38 -16.74 -15.96
C LEU A 418 -0.64 -16.95 -14.47
N GLY A 419 -0.03 -16.10 -13.65
CA GLY A 419 -0.27 -16.18 -12.22
C GLY A 419 -1.63 -15.61 -11.87
N ALA A 420 -2.20 -16.13 -10.77
CA ALA A 420 -3.55 -15.83 -10.36
C ALA A 420 -3.57 -15.50 -8.87
N VAL A 421 -2.66 -14.62 -8.45
CA VAL A 421 -2.34 -14.46 -7.04
C VAL A 421 -3.59 -14.39 -6.17
N GLY A 422 -4.69 -13.86 -6.69
CA GLY A 422 -5.83 -13.55 -5.86
C GLY A 422 -6.93 -14.58 -5.78
N ALA A 423 -6.79 -15.73 -6.43
CA ALA A 423 -7.91 -16.65 -6.53
C ALA A 423 -8.20 -17.32 -5.18
N PHE A 424 -9.48 -17.50 -4.88
CA PHE A 424 -9.93 -18.28 -3.74
C PHE A 424 -9.31 -17.77 -2.44
N ASP A 425 -9.70 -16.54 -2.09
CA ASP A 425 -9.22 -15.89 -0.88
C ASP A 425 -7.71 -15.73 -0.92
N TRP A 426 -7.21 -15.40 -2.11
CA TRP A 426 -5.80 -15.07 -2.31
C TRP A 426 -4.89 -16.27 -2.11
N SER A 427 -5.44 -17.47 -2.19
CA SER A 427 -4.61 -18.67 -2.16
C SER A 427 -3.69 -18.73 -3.38
N GLY A 428 -4.22 -18.45 -4.55
CA GLY A 428 -3.41 -18.38 -5.75
C GLY A 428 -3.61 -19.56 -6.67
N GLY A 429 -2.80 -19.57 -7.72
CA GLY A 429 -2.88 -20.60 -8.73
C GLY A 429 -2.07 -20.19 -9.94
N ALA A 430 -2.47 -20.74 -11.09
CA ALA A 430 -1.89 -20.35 -12.36
C ALA A 430 -2.73 -20.91 -13.48
N LEU A 431 -3.12 -20.04 -14.41
CA LEU A 431 -3.99 -20.42 -15.52
C LEU A 431 -3.12 -20.74 -16.74
N LEU A 432 -3.24 -21.97 -17.23
CA LEU A 432 -2.51 -22.42 -18.40
C LEU A 432 -3.43 -22.20 -19.60
N TYR A 433 -3.14 -21.16 -20.38
CA TYR A 433 -4.06 -20.61 -21.35
C TYR A 433 -3.58 -20.92 -22.76
N ASP A 434 -4.39 -21.64 -23.53
CA ASP A 434 -4.10 -21.93 -24.93
C ASP A 434 -4.75 -20.84 -25.76
N THR A 435 -3.94 -19.91 -26.27
CA THR A 435 -4.46 -18.75 -26.96
C THR A 435 -5.19 -19.10 -28.25
N ARG A 436 -4.75 -20.15 -28.96
CA ARG A 436 -5.40 -20.50 -30.21
C ARG A 436 -6.86 -20.90 -29.99
N SER A 437 -7.10 -21.83 -29.07
CA SER A 437 -8.46 -22.32 -28.83
C SER A 437 -9.19 -21.52 -27.76
N ARG A 438 -8.48 -20.69 -27.00
CA ARG A 438 -9.08 -19.89 -25.94
C ARG A 438 -9.70 -20.76 -24.84
N ARG A 439 -8.90 -21.66 -24.26
CA ARG A 439 -9.32 -22.44 -23.11
C ARG A 439 -8.11 -22.80 -22.26
N GLY A 440 -8.34 -22.95 -20.96
CA GLY A 440 -7.24 -23.19 -20.04
C GLY A 440 -7.66 -23.90 -18.78
N ARG A 441 -6.66 -24.30 -18.02
CA ARG A 441 -6.80 -25.09 -16.81
C ARG A 441 -6.27 -24.30 -15.63
N PHE A 442 -6.90 -24.44 -14.48
CA PHE A 442 -6.46 -23.76 -13.27
C PHE A 442 -5.69 -24.75 -12.40
N LEU A 443 -4.47 -24.38 -12.03
CA LEU A 443 -3.58 -25.24 -11.26
C LEU A 443 -3.37 -24.63 -9.88
N ASN A 444 -3.94 -25.28 -8.86
CA ASN A 444 -3.88 -24.78 -7.49
C ASN A 444 -3.54 -25.89 -6.50
N GLN A 445 -3.18 -25.48 -5.29
CA GLN A 445 -2.92 -26.42 -4.21
C GLN A 445 -4.18 -27.19 -3.85
N THR A 446 -4.01 -28.46 -3.52
CA THR A 446 -5.15 -29.36 -3.34
C THR A 446 -5.69 -29.22 -1.93
N ALA A 447 -7.00 -28.97 -1.80
CA ALA A 447 -7.65 -28.82 -0.53
C ALA A 447 -8.41 -30.07 -0.09
N ALA A 448 -8.42 -31.12 -0.90
CA ALA A 448 -9.16 -32.33 -0.57
C ALA A 448 -8.43 -33.23 0.42
N ALA A 449 -7.11 -33.09 0.56
CA ALA A 449 -6.38 -33.93 1.51
C ALA A 449 -6.90 -33.71 2.92
N ALA A 450 -7.09 -32.46 3.32
CA ALA A 450 -7.75 -32.12 4.58
C ALA A 450 -8.78 -31.04 4.30
N ALA A 451 -9.95 -31.18 4.91
CA ALA A 451 -11.06 -30.29 4.60
C ALA A 451 -10.78 -28.83 4.93
N ASP A 452 -9.76 -28.55 5.75
CA ASP A 452 -9.45 -27.18 6.17
C ASP A 452 -8.56 -26.52 5.13
N ALA A 453 -9.19 -25.76 4.23
CA ALA A 453 -8.42 -24.98 3.26
C ALA A 453 -8.02 -23.61 3.81
N GLU A 454 -8.47 -23.27 5.01
CA GLU A 454 -8.14 -21.96 5.58
C GLU A 454 -6.64 -21.81 5.79
N ALA A 455 -5.93 -22.90 6.03
CA ALA A 455 -4.50 -22.82 6.27
C ALA A 455 -3.74 -22.31 5.05
N ALA A 456 -4.36 -22.36 3.87
CA ALA A 456 -3.70 -21.96 2.63
C ALA A 456 -4.15 -20.61 2.11
N GLN A 457 -4.89 -19.83 2.88
CA GLN A 457 -5.32 -18.52 2.42
C GLN A 457 -4.18 -17.53 2.50
N TYR A 458 -4.22 -16.53 1.64
CA TYR A 458 -3.24 -15.45 1.63
C TYR A 458 -1.82 -15.97 1.45
N SER A 459 -1.67 -17.02 0.65
CA SER A 459 -0.35 -17.54 0.34
C SER A 459 0.28 -16.80 -0.84
N TYR A 460 -0.53 -16.24 -1.72
CA TYR A 460 -0.05 -15.56 -2.91
C TYR A 460 0.77 -16.49 -3.79
N LEU A 461 0.32 -17.73 -3.94
CA LEU A 461 0.91 -18.60 -4.94
C LEU A 461 0.68 -17.98 -6.31
N GLY A 462 1.73 -17.94 -7.12
CA GLY A 462 1.66 -17.28 -8.41
C GLY A 462 2.21 -15.88 -8.44
N TYR A 463 2.77 -15.39 -7.33
CA TYR A 463 3.46 -14.11 -7.37
C TYR A 463 4.57 -14.12 -8.39
N ALA A 464 5.20 -15.27 -8.59
CA ALA A 464 6.17 -15.47 -9.65
C ALA A 464 5.97 -16.87 -10.23
N VAL A 465 6.32 -17.04 -11.49
CA VAL A 465 6.22 -18.33 -12.16
C VAL A 465 7.46 -18.55 -13.00
N ALA A 466 7.83 -19.81 -13.19
CA ALA A 466 9.00 -20.16 -13.99
C ALA A 466 8.82 -21.58 -14.50
N VAL A 467 9.79 -22.01 -15.29
CA VAL A 467 9.81 -23.35 -15.86
C VAL A 467 11.19 -23.95 -15.63
N LEU A 468 11.26 -25.28 -15.66
CA LEU A 468 12.51 -26.00 -15.47
C LEU A 468 12.68 -27.00 -16.59
N HIS A 469 13.77 -26.88 -17.35
CA HIS A 469 13.97 -27.67 -18.55
C HIS A 469 14.80 -28.90 -18.25
N LYS A 470 14.28 -29.73 -17.35
CA LYS A 470 14.97 -30.96 -17.02
C LYS A 470 15.22 -31.79 -18.27
N THR A 471 16.10 -32.78 -18.15
CA THR A 471 16.48 -33.58 -19.30
C THR A 471 15.31 -34.36 -19.87
N CYS A 472 14.27 -34.60 -19.07
CA CYS A 472 13.13 -35.40 -19.50
C CYS A 472 11.94 -34.54 -19.91
N SER A 473 11.51 -33.63 -19.03
CA SER A 473 10.28 -32.88 -19.26
C SER A 473 10.35 -31.55 -18.54
N LEU A 474 9.49 -30.63 -18.98
CA LEU A 474 9.30 -29.39 -18.25
C LEU A 474 8.68 -29.67 -16.88
N SER A 475 8.91 -28.75 -15.94
CA SER A 475 8.29 -28.84 -14.64
C SER A 475 8.09 -27.44 -14.11
N TYR A 476 6.84 -27.00 -14.04
CA TYR A 476 6.55 -25.63 -13.68
C TYR A 476 6.77 -25.43 -12.19
N ILE A 477 7.20 -24.23 -11.82
CA ILE A 477 7.34 -23.86 -10.43
C ILE A 477 6.67 -22.51 -10.23
N ALA A 478 6.17 -22.28 -9.02
CA ALA A 478 5.43 -21.06 -8.72
C ALA A 478 5.76 -20.60 -7.31
N GLY A 479 6.10 -19.32 -7.18
CA GLY A 479 6.47 -18.76 -5.89
C GLY A 479 5.24 -18.35 -5.11
N ALA A 480 5.28 -18.63 -3.81
CA ALA A 480 4.20 -18.30 -2.87
C ALA A 480 4.82 -17.56 -1.71
N PRO A 481 5.08 -16.26 -1.85
CA PRO A 481 5.97 -15.56 -0.90
C PRO A 481 5.37 -15.32 0.48
N ARG A 482 4.18 -15.83 0.77
CA ARG A 482 3.59 -15.72 2.10
C ARG A 482 3.15 -17.06 2.67
N TYR A 483 3.73 -18.16 2.23
CA TYR A 483 3.31 -19.47 2.72
C TYR A 483 3.81 -19.68 4.14
N LYS A 484 2.89 -19.80 5.08
CA LYS A 484 3.23 -19.93 6.49
C LYS A 484 4.04 -18.73 6.97
N HIS A 485 3.91 -17.61 6.26
CA HIS A 485 4.59 -16.37 6.60
C HIS A 485 6.09 -16.43 6.29
N HIS A 486 6.59 -17.57 5.83
CA HIS A 486 7.97 -17.64 5.36
C HIS A 486 8.03 -17.40 3.85
N GLY A 487 7.25 -18.14 3.10
CA GLY A 487 7.37 -18.26 1.67
C GLY A 487 7.78 -19.67 1.28
N ALA A 488 7.37 -20.07 0.09
CA ALA A 488 7.68 -21.40 -0.41
C ALA A 488 7.72 -21.34 -1.93
N VAL A 489 8.38 -22.32 -2.53
CA VAL A 489 8.41 -22.47 -3.97
C VAL A 489 7.81 -23.82 -4.30
N PHE A 490 6.80 -23.82 -5.14
CA PHE A 490 6.00 -24.99 -5.45
C PHE A 490 6.46 -25.59 -6.76
N GLU A 491 6.12 -26.85 -6.99
CA GLU A 491 6.42 -27.53 -8.23
C GLU A 491 5.23 -28.36 -8.65
N LEU A 492 4.83 -28.24 -9.90
CA LEU A 492 3.69 -28.99 -10.39
C LEU A 492 4.02 -30.46 -10.48
N GLN A 493 3.32 -31.27 -9.70
CA GLN A 493 3.48 -32.71 -9.71
C GLN A 493 2.21 -33.32 -10.26
N LYS A 494 2.36 -34.43 -10.98
CA LYS A 494 1.28 -35.02 -11.75
C LYS A 494 1.14 -36.48 -11.35
N GLU A 495 -0.10 -36.92 -11.10
CA GLU A 495 -0.36 -38.29 -10.72
C GLU A 495 -1.76 -38.67 -11.12
N GLY A 496 -1.88 -39.79 -11.84
CA GLY A 496 -3.19 -40.21 -12.31
C GLY A 496 -3.76 -39.20 -13.28
N ARG A 497 -4.96 -38.72 -12.98
CA ARG A 497 -5.67 -37.76 -13.81
C ARG A 497 -5.66 -36.35 -13.22
N GLU A 498 -4.70 -36.03 -12.36
CA GLU A 498 -4.70 -34.80 -11.60
C GLU A 498 -3.33 -34.15 -11.69
N ALA A 499 -3.31 -32.82 -11.54
CA ALA A 499 -2.07 -32.07 -11.62
C ALA A 499 -2.20 -30.85 -10.72
N SER A 500 -1.37 -30.81 -9.68
CA SER A 500 -1.51 -29.82 -8.63
C SER A 500 -0.13 -29.39 -8.16
N PHE A 501 -0.11 -28.26 -7.47
CA PHE A 501 1.12 -27.71 -6.93
C PHE A 501 1.34 -28.28 -5.53
N LEU A 502 2.60 -28.60 -5.21
CA LEU A 502 2.95 -29.08 -3.88
C LEU A 502 4.21 -28.39 -3.39
N PRO A 503 4.37 -28.21 -2.07
CA PRO A 503 5.47 -27.38 -1.56
C PRO A 503 6.78 -28.16 -1.50
N VAL A 504 7.80 -27.64 -2.17
CA VAL A 504 9.09 -28.32 -2.24
C VAL A 504 10.19 -27.55 -1.51
N LEU A 505 10.16 -26.21 -1.50
CA LEU A 505 11.15 -25.41 -0.81
C LEU A 505 10.44 -24.44 0.12
N GLU A 506 11.08 -24.14 1.26
CA GLU A 506 10.48 -23.29 2.28
C GLU A 506 11.51 -22.30 2.80
N GLY A 507 11.04 -21.12 3.20
CA GLY A 507 11.92 -20.10 3.73
C GLY A 507 12.23 -20.32 5.20
N GLU A 508 13.07 -19.43 5.73
CA GLU A 508 13.54 -19.57 7.10
C GLU A 508 13.20 -18.39 8.01
N GLN A 509 12.68 -17.29 7.46
CA GLN A 509 12.37 -16.13 8.29
C GLN A 509 11.01 -15.56 7.91
N MET A 510 10.30 -15.06 8.91
CA MET A 510 9.03 -14.39 8.65
C MET A 510 9.25 -13.08 7.92
N GLY A 511 8.40 -12.81 6.95
CA GLY A 511 8.42 -11.55 6.24
C GLY A 511 9.52 -11.40 5.21
N SER A 512 10.25 -12.48 4.90
CA SER A 512 11.37 -12.38 3.99
C SER A 512 10.95 -12.42 2.53
N TYR A 513 9.72 -12.85 2.24
CA TYR A 513 9.22 -12.93 0.87
C TYR A 513 10.06 -13.89 0.04
N PHE A 514 10.45 -14.99 0.65
CA PHE A 514 11.12 -16.06 -0.06
C PHE A 514 10.21 -16.61 -1.14
N GLY A 515 10.70 -16.61 -2.38
CA GLY A 515 9.90 -17.05 -3.51
C GLY A 515 9.28 -15.95 -4.33
N SER A 516 9.58 -14.69 -4.06
CA SER A 516 9.01 -13.60 -4.83
C SER A 516 9.72 -13.41 -6.16
N GLU A 517 10.88 -14.00 -6.35
CA GLU A 517 11.59 -13.92 -7.62
C GLU A 517 12.33 -15.22 -7.86
N LEU A 518 12.23 -15.73 -9.07
CA LEU A 518 12.84 -17.00 -9.45
C LEU A 518 13.59 -16.81 -10.75
N CYS A 519 14.71 -17.52 -10.90
CA CYS A 519 15.57 -17.38 -12.07
C CYS A 519 16.31 -18.69 -12.31
N PRO A 520 15.73 -19.62 -13.07
CA PRO A 520 16.50 -20.79 -13.49
C PRO A 520 17.64 -20.38 -14.40
N VAL A 521 18.76 -21.10 -14.29
CA VAL A 521 19.98 -20.78 -15.01
C VAL A 521 20.51 -22.05 -15.65
N ASP A 522 20.77 -21.98 -16.96
CA ASP A 522 21.39 -23.06 -17.71
C ASP A 522 22.86 -22.67 -17.89
N ILE A 523 23.70 -23.12 -16.96
CA ILE A 523 25.03 -22.55 -16.82
C ILE A 523 25.90 -22.77 -18.05
N ASP A 524 25.61 -23.78 -18.86
CA ASP A 524 26.46 -24.12 -19.98
C ASP A 524 25.68 -24.16 -21.29
N MET A 525 24.44 -23.67 -21.31
CA MET A 525 23.64 -23.59 -22.52
C MET A 525 23.58 -24.93 -23.23
N ASP A 526 22.95 -25.92 -22.57
CA ASP A 526 22.79 -27.25 -23.12
C ASP A 526 21.37 -27.77 -23.08
N GLY A 527 20.40 -26.94 -22.71
CA GLY A 527 19.00 -27.33 -22.66
C GLY A 527 18.49 -27.76 -21.31
N SER A 528 19.36 -28.16 -20.39
CA SER A 528 18.96 -28.50 -19.04
C SER A 528 18.92 -27.22 -18.20
N THR A 529 18.41 -27.33 -16.97
CA THR A 529 18.44 -26.24 -16.02
C THR A 529 19.22 -26.69 -14.80
N ASP A 530 20.39 -26.11 -14.60
CA ASP A 530 21.36 -26.60 -13.62
C ASP A 530 21.16 -26.02 -12.23
N PHE A 531 20.83 -24.74 -12.12
CA PHE A 531 20.62 -24.09 -10.84
C PHE A 531 19.29 -23.35 -10.87
N LEU A 532 18.70 -23.16 -9.70
CA LEU A 532 17.52 -22.33 -9.54
C LEU A 532 17.81 -21.32 -8.43
N LEU A 533 17.73 -20.04 -8.76
CA LEU A 533 17.95 -18.98 -7.79
C LEU A 533 16.60 -18.50 -7.25
N VAL A 534 16.47 -18.46 -5.92
CA VAL A 534 15.24 -18.08 -5.25
C VAL A 534 15.55 -16.88 -4.38
N ALA A 535 14.73 -15.83 -4.49
CA ALA A 535 15.03 -14.56 -3.86
C ALA A 535 14.26 -14.38 -2.56
N ALA A 536 14.94 -13.75 -1.61
CA ALA A 536 14.37 -13.38 -0.31
C ALA A 536 14.72 -11.92 -0.06
N PRO A 537 14.18 -11.03 -0.89
CA PRO A 537 14.71 -9.66 -0.92
C PRO A 537 14.62 -8.90 0.38
N PHE A 538 13.72 -9.29 1.29
CA PHE A 538 13.51 -8.55 2.52
C PHE A 538 14.08 -9.26 3.74
N TYR A 539 15.09 -10.11 3.56
CA TYR A 539 15.68 -10.80 4.70
C TYR A 539 16.31 -9.79 5.66
N HIS A 540 16.23 -10.08 6.95
CA HIS A 540 16.52 -9.11 7.99
C HIS A 540 17.64 -9.63 8.90
N VAL A 541 18.71 -8.85 8.99
CA VAL A 541 19.71 -9.00 10.05
C VAL A 541 19.88 -7.69 10.81
N HIS A 542 20.20 -6.62 10.08
CA HIS A 542 20.05 -5.24 10.56
C HIS A 542 19.48 -4.46 9.41
N GLY A 543 18.17 -4.23 9.41
CA GLY A 543 17.50 -3.63 8.28
C GLY A 543 16.90 -4.71 7.39
N GLU A 544 16.98 -4.53 6.07
CA GLU A 544 16.58 -5.58 5.13
C GLU A 544 17.67 -5.69 4.08
N GLU A 545 18.68 -6.52 4.38
CA GLU A 545 19.83 -6.65 3.49
C GLU A 545 19.52 -7.48 2.26
N GLY A 546 18.59 -8.41 2.37
CA GLY A 546 18.27 -9.29 1.26
C GLY A 546 19.18 -10.50 1.20
N ARG A 547 18.73 -11.51 0.49
CA ARG A 547 19.45 -12.78 0.39
C ARG A 547 18.91 -13.54 -0.80
N VAL A 548 19.80 -14.32 -1.44
CA VAL A 548 19.47 -15.04 -2.66
C VAL A 548 20.08 -16.43 -2.59
N TYR A 549 19.23 -17.44 -2.51
CA TYR A 549 19.65 -18.83 -2.42
C TYR A 549 19.97 -19.37 -3.80
N VAL A 550 20.78 -20.43 -3.84
CA VAL A 550 21.28 -21.01 -5.08
C VAL A 550 21.11 -22.50 -4.94
N TYR A 551 20.10 -23.06 -5.58
CA TYR A 551 19.75 -24.46 -5.45
C TYR A 551 20.29 -25.23 -6.63
N ARG A 552 21.26 -26.11 -6.39
CA ARG A 552 21.71 -27.02 -7.43
C ARG A 552 20.59 -28.00 -7.72
N LEU A 553 20.44 -28.37 -8.98
CA LEU A 553 19.34 -29.20 -9.42
C LEU A 553 19.90 -30.54 -9.91
N SER A 554 19.40 -31.63 -9.34
CA SER A 554 19.96 -32.95 -9.60
C SER A 554 19.50 -33.48 -10.95
N GLU A 555 20.46 -34.02 -11.71
CA GLU A 555 20.12 -34.61 -13.00
C GLU A 555 19.49 -35.99 -12.85
N GLN A 556 19.86 -36.71 -11.79
CA GLN A 556 19.42 -38.10 -11.65
C GLN A 556 18.02 -38.17 -11.04
N ASP A 557 17.74 -37.33 -10.03
CA ASP A 557 16.49 -37.40 -9.30
C ASP A 557 15.55 -36.24 -9.57
N GLY A 558 16.07 -35.09 -9.98
CA GLY A 558 15.23 -33.94 -10.20
C GLY A 558 14.85 -33.16 -8.96
N SER A 559 15.50 -33.42 -7.83
CA SER A 559 15.24 -32.72 -6.59
C SER A 559 16.19 -31.54 -6.43
N PHE A 560 15.93 -30.73 -5.40
CA PHE A 560 16.70 -29.53 -5.15
C PHE A 560 17.60 -29.71 -3.94
N SER A 561 18.83 -29.22 -4.04
CA SER A 561 19.78 -29.25 -2.96
C SER A 561 20.50 -27.91 -2.91
N LEU A 562 20.62 -27.35 -1.71
CA LEU A 562 21.18 -26.01 -1.55
C LEU A 562 22.68 -26.06 -1.84
N ALA A 563 23.20 -24.96 -2.39
CA ALA A 563 24.59 -24.87 -2.76
C ALA A 563 25.28 -23.67 -2.11
N ARG A 564 24.61 -22.53 -2.10
CA ARG A 564 25.21 -21.30 -1.60
C ARG A 564 24.10 -20.36 -1.13
N ILE A 565 24.48 -19.43 -0.27
CA ILE A 565 23.64 -18.29 0.11
C ILE A 565 24.42 -17.03 -0.20
N LEU A 566 23.83 -16.14 -0.97
CA LEU A 566 24.49 -14.94 -1.47
C LEU A 566 23.98 -13.72 -0.72
N SER A 567 24.91 -12.82 -0.37
CA SER A 567 24.58 -11.59 0.33
C SER A 567 25.43 -10.46 -0.22
N GLY A 568 24.91 -9.25 -0.09
CA GLY A 568 25.57 -8.09 -0.67
C GLY A 568 26.79 -7.66 0.12
N HIS A 569 27.45 -6.64 -0.42
CA HIS A 569 28.68 -6.14 0.19
C HIS A 569 28.41 -5.63 1.60
N PRO A 570 29.21 -5.99 2.59
CA PRO A 570 28.94 -5.52 3.94
C PRO A 570 29.08 -4.01 4.06
N GLY A 571 28.33 -3.45 5.00
CA GLY A 571 28.32 -2.02 5.24
C GLY A 571 27.02 -1.34 4.88
N PHE A 572 26.20 -1.96 4.07
CA PHE A 572 24.89 -1.43 3.71
C PHE A 572 23.82 -2.31 4.35
N THR A 573 22.92 -1.70 5.09
CA THR A 573 21.89 -2.43 5.84
C THR A 573 20.58 -2.54 5.09
N ASN A 574 20.36 -1.69 4.08
CA ASN A 574 19.09 -1.64 3.37
C ASN A 574 19.24 -1.93 1.88
N ALA A 575 20.08 -2.89 1.51
CA ALA A 575 20.36 -3.10 0.09
C ALA A 575 19.16 -3.65 -0.67
N ARG A 576 18.36 -4.51 -0.05
CA ARG A 576 17.34 -5.29 -0.75
C ARG A 576 17.96 -6.12 -1.87
N PHE A 577 19.08 -6.75 -1.54
CA PHE A 577 19.71 -7.69 -2.45
C PHE A 577 18.74 -8.80 -2.80
N GLY A 578 18.65 -9.13 -4.09
CA GLY A 578 17.78 -10.19 -4.56
C GLY A 578 16.48 -9.73 -5.15
N PHE A 579 16.27 -8.42 -5.28
CA PHE A 579 15.00 -7.93 -5.80
C PHE A 579 14.84 -8.25 -7.29
N ALA A 580 15.90 -8.05 -8.07
CA ALA A 580 15.85 -8.29 -9.51
C ALA A 580 17.00 -9.19 -9.93
N MET A 581 16.65 -10.34 -10.48
CA MET A 581 17.64 -11.28 -11.01
C MET A 581 17.35 -11.54 -12.47
N ALA A 582 18.40 -11.57 -13.28
CA ALA A 582 18.28 -11.86 -14.70
C ALA A 582 19.54 -12.54 -15.18
N ALA A 583 19.38 -13.73 -15.78
CA ALA A 583 20.50 -14.42 -16.40
C ALA A 583 20.83 -13.70 -17.70
N MET A 584 21.96 -13.00 -17.71
CA MET A 584 22.31 -12.09 -18.79
C MET A 584 22.95 -12.78 -19.98
N GLY A 585 22.81 -14.09 -20.09
CA GLY A 585 23.43 -14.78 -21.22
C GLY A 585 24.92 -14.91 -21.01
N ASP A 586 25.69 -14.59 -22.04
CA ASP A 586 27.14 -14.66 -22.01
C ASP A 586 27.70 -13.25 -22.15
N LEU A 587 28.26 -12.72 -21.07
CA LEU A 587 28.99 -11.46 -21.10
C LEU A 587 30.49 -11.64 -21.10
N SER A 588 30.98 -12.76 -20.57
CA SER A 588 32.42 -13.00 -20.47
C SER A 588 33.01 -13.57 -21.74
N GLN A 589 32.21 -13.81 -22.76
CA GLN A 589 32.71 -14.33 -24.04
C GLN A 589 33.45 -15.65 -23.85
N ASP A 590 32.87 -16.55 -23.05
CA ASP A 590 33.53 -17.82 -22.75
C ASP A 590 32.57 -19.00 -22.78
N LYS A 591 31.34 -18.81 -23.28
CA LYS A 591 30.34 -19.84 -23.54
C LYS A 591 29.68 -20.38 -22.27
N LEU A 592 29.75 -19.68 -21.16
CA LEU A 592 28.96 -20.02 -19.98
C LEU A 592 27.97 -18.89 -19.67
N THR A 593 27.05 -19.16 -18.75
CA THR A 593 25.95 -18.26 -18.45
C THR A 593 26.27 -17.46 -17.21
N ASP A 594 26.23 -16.14 -17.35
CA ASP A 594 26.42 -15.22 -16.25
C ASP A 594 25.09 -14.73 -15.72
N VAL A 595 25.05 -14.41 -14.44
CA VAL A 595 23.84 -13.96 -13.77
C VAL A 595 24.08 -12.54 -13.28
N ALA A 596 23.00 -11.84 -12.99
CA ALA A 596 23.06 -10.50 -12.45
C ALA A 596 22.00 -10.36 -11.36
N ILE A 597 22.38 -9.71 -10.26
CA ILE A 597 21.50 -9.54 -9.10
C ILE A 597 21.52 -8.09 -8.70
N GLY A 598 20.35 -7.54 -8.42
CA GLY A 598 20.20 -6.12 -8.14
C GLY A 598 20.03 -5.83 -6.66
N ALA A 599 20.33 -4.59 -6.29
CA ALA A 599 20.21 -4.12 -4.91
C ALA A 599 19.77 -2.68 -4.95
N PRO A 600 18.48 -2.44 -5.22
CA PRO A 600 18.05 -1.08 -5.55
C PRO A 600 18.29 -0.06 -4.46
N LEU A 601 18.25 -0.44 -3.19
CA LEU A 601 18.29 0.52 -2.10
C LEU A 601 19.69 0.74 -1.54
N GLU A 602 20.70 0.09 -2.11
CA GLU A 602 22.08 0.24 -1.63
C GLU A 602 22.54 1.68 -1.87
N GLY A 603 22.74 2.42 -0.79
CA GLY A 603 23.13 3.82 -0.88
C GLY A 603 22.04 4.80 -0.50
N PHE A 604 20.91 4.33 -0.01
CA PHE A 604 19.79 5.23 0.29
C PHE A 604 20.16 6.21 1.39
N GLY A 605 20.05 7.50 1.09
CA GLY A 605 20.32 8.53 2.07
C GLY A 605 21.78 8.77 2.36
N ALA A 606 22.69 8.20 1.58
CA ALA A 606 24.12 8.37 1.83
C ALA A 606 24.61 9.68 1.24
N ASP A 607 25.33 10.45 2.06
CA ASP A 607 25.88 11.72 1.63
C ASP A 607 24.79 12.63 1.06
N ASP A 608 24.97 13.13 -0.16
CA ASP A 608 24.02 14.06 -0.74
C ASP A 608 22.77 13.37 -1.30
N GLY A 609 22.80 12.04 -1.45
CA GLY A 609 21.66 11.35 -2.02
C GLY A 609 21.50 11.52 -3.51
N ALA A 610 22.57 11.83 -4.23
CA ALA A 610 22.46 12.05 -5.66
C ALA A 610 21.97 10.80 -6.37
N SER A 611 22.50 9.64 -6.01
CA SER A 611 22.14 8.39 -6.67
C SER A 611 22.39 7.24 -5.72
N PHE A 612 21.62 6.18 -5.87
CA PHE A 612 21.78 5.00 -5.03
C PHE A 612 21.24 3.77 -5.74
N GLY A 613 21.95 2.67 -5.57
CA GLY A 613 21.66 1.40 -6.20
C GLY A 613 22.93 0.68 -6.61
N SER A 614 22.79 -0.61 -6.88
CA SER A 614 23.91 -1.43 -7.28
C SER A 614 23.43 -2.63 -8.08
N VAL A 615 24.36 -3.22 -8.84
CA VAL A 615 24.11 -4.43 -9.61
C VAL A 615 25.37 -5.26 -9.59
N TYR A 616 25.24 -6.54 -9.29
CA TYR A 616 26.35 -7.47 -9.15
C TYR A 616 26.33 -8.43 -10.32
N ILE A 617 27.51 -8.84 -10.78
CA ILE A 617 27.65 -9.77 -11.89
C ILE A 617 28.37 -11.01 -11.39
N TYR A 618 27.74 -12.17 -11.57
CA TYR A 618 28.25 -13.44 -11.09
C TYR A 618 28.56 -14.32 -12.30
N ASN A 619 29.84 -14.40 -12.66
CA ASN A 619 30.23 -15.20 -13.82
C ASN A 619 29.98 -16.68 -13.54
N GLY A 620 29.38 -17.35 -14.52
CA GLY A 620 29.20 -18.78 -14.38
C GLY A 620 30.51 -19.52 -14.48
N HIS A 621 30.55 -20.70 -13.87
CA HIS A 621 31.74 -21.54 -13.86
C HIS A 621 31.32 -22.98 -14.06
N TRP A 622 32.30 -23.83 -14.40
CA TRP A 622 31.97 -25.23 -14.69
C TRP A 622 31.34 -25.90 -13.49
N ASP A 623 31.72 -25.49 -12.28
CA ASP A 623 31.20 -26.09 -11.04
C ASP A 623 30.07 -25.27 -10.42
N GLY A 624 29.69 -24.16 -11.05
CA GLY A 624 28.57 -23.38 -10.55
C GLY A 624 28.81 -21.89 -10.48
N LEU A 625 27.89 -21.18 -9.85
CA LEU A 625 27.96 -19.72 -9.79
C LEU A 625 29.14 -19.29 -8.91
N SER A 626 29.86 -18.27 -9.37
CA SER A 626 31.10 -17.88 -8.69
C SER A 626 30.84 -17.53 -7.24
N ALA A 627 31.92 -17.56 -6.44
CA ALA A 627 31.81 -17.28 -5.02
C ALA A 627 31.67 -15.79 -4.73
N SER A 628 32.39 -14.94 -5.45
CA SER A 628 32.31 -13.50 -5.24
C SER A 628 32.05 -12.82 -6.58
N PRO A 629 31.36 -11.69 -6.59
CA PRO A 629 30.99 -11.05 -7.84
C PRO A 629 32.20 -10.53 -8.59
N SER A 630 32.17 -10.63 -9.91
CA SER A 630 33.25 -10.15 -10.74
C SER A 630 33.17 -8.65 -10.97
N GLN A 631 32.03 -8.04 -10.69
CA GLN A 631 31.87 -6.61 -10.85
C GLN A 631 30.74 -6.14 -9.95
N ARG A 632 30.74 -4.84 -9.65
CA ARG A 632 29.70 -4.22 -8.85
C ARG A 632 29.49 -2.81 -9.39
N ILE A 633 28.50 -2.64 -10.27
CA ILE A 633 28.16 -1.33 -10.79
C ILE A 633 27.39 -0.57 -9.73
N ARG A 634 27.82 0.65 -9.45
CA ARG A 634 27.21 1.50 -8.43
C ARG A 634 26.49 2.67 -9.08
N ALA A 635 25.42 3.13 -8.44
CA ALA A 635 24.61 4.17 -9.05
C ALA A 635 25.39 5.46 -9.22
N SER A 636 26.21 5.81 -8.24
CA SER A 636 26.93 7.08 -8.28
C SER A 636 27.99 7.13 -9.36
N THR A 637 28.41 5.98 -9.88
CA THR A 637 29.46 5.95 -10.89
C THR A 637 28.92 5.90 -12.31
N VAL A 638 27.59 5.90 -12.48
CA VAL A 638 27.00 5.85 -13.82
C VAL A 638 26.60 7.25 -14.24
N ALA A 639 25.71 7.88 -13.49
CA ALA A 639 25.25 9.22 -13.81
C ALA A 639 24.38 9.72 -12.66
N PRO A 640 24.31 11.04 -12.45
CA PRO A 640 23.48 11.57 -11.37
C PRO A 640 22.01 11.43 -11.68
N GLY A 641 21.20 11.41 -10.61
CA GLY A 641 19.77 11.30 -10.74
C GLY A 641 19.23 9.89 -10.85
N LEU A 642 20.10 8.87 -10.86
CA LEU A 642 19.64 7.48 -10.88
C LEU A 642 19.18 7.13 -9.47
N GLN A 643 17.91 6.80 -9.33
CA GLN A 643 17.34 6.35 -8.07
C GLN A 643 16.76 4.96 -8.22
N TYR A 644 17.02 4.11 -7.24
CA TYR A 644 16.63 2.71 -7.28
C TYR A 644 17.20 2.01 -8.51
N PHE A 645 18.45 2.33 -8.83
CA PHE A 645 19.17 1.64 -9.89
C PHE A 645 19.34 0.17 -9.53
N GLY A 646 18.65 -0.70 -10.26
CA GLY A 646 18.76 -2.13 -10.08
C GLY A 646 17.46 -2.87 -9.92
N MET A 647 16.32 -2.21 -10.14
CA MET A 647 15.03 -2.85 -9.88
C MET A 647 14.55 -3.74 -11.03
N SER A 648 15.07 -3.53 -12.23
CA SER A 648 14.72 -4.40 -13.36
C SER A 648 15.96 -4.53 -14.22
N MET A 649 16.18 -5.74 -14.72
CA MET A 649 17.41 -6.02 -15.45
C MET A 649 17.10 -7.02 -16.56
N ALA A 650 17.91 -6.95 -17.61
CA ALA A 650 17.84 -7.87 -18.74
C ALA A 650 19.11 -7.71 -19.53
N GLY A 651 19.25 -8.51 -20.59
CA GLY A 651 20.44 -8.42 -21.40
C GLY A 651 20.66 -9.69 -22.18
N GLY A 652 21.84 -9.77 -22.79
CA GLY A 652 22.24 -10.92 -23.56
C GLY A 652 22.10 -10.76 -25.06
N PHE A 653 21.77 -9.57 -25.54
CA PHE A 653 21.61 -9.33 -26.97
C PHE A 653 22.45 -8.13 -27.38
N ASP A 654 22.74 -8.06 -28.67
CA ASP A 654 23.54 -6.96 -29.19
C ASP A 654 22.65 -5.79 -29.56
N ILE A 655 22.61 -4.77 -28.71
CA ILE A 655 21.93 -3.52 -29.02
C ILE A 655 22.89 -2.40 -29.35
N SER A 656 24.21 -2.60 -29.22
CA SER A 656 25.17 -1.52 -29.35
C SER A 656 25.73 -1.37 -30.76
N GLY A 657 25.75 -2.44 -31.54
CA GLY A 657 26.27 -2.39 -32.89
C GLY A 657 27.52 -3.21 -33.14
N ASP A 658 27.98 -3.99 -32.16
CA ASP A 658 29.09 -4.91 -32.34
C ASP A 658 28.69 -6.26 -31.76
N GLY A 659 29.40 -7.30 -32.17
CA GLY A 659 28.96 -8.65 -31.90
C GLY A 659 28.76 -9.01 -30.44
N LEU A 660 29.30 -8.24 -29.50
CA LEU A 660 29.24 -8.59 -28.11
C LEU A 660 27.87 -8.31 -27.52
N ALA A 661 27.51 -9.11 -26.50
CA ALA A 661 26.26 -8.93 -25.80
C ALA A 661 26.29 -7.67 -24.94
N ASP A 662 25.11 -7.11 -24.68
CA ASP A 662 24.97 -5.87 -23.94
C ASP A 662 23.88 -6.04 -22.89
N ILE A 663 23.95 -5.23 -21.83
CA ILE A 663 23.05 -5.32 -20.71
C ILE A 663 22.17 -4.09 -20.65
N THR A 664 21.09 -4.18 -19.89
CA THR A 664 20.19 -3.08 -19.58
C THR A 664 19.75 -3.17 -18.13
N VAL A 665 19.83 -2.05 -17.41
CA VAL A 665 19.42 -1.96 -16.02
C VAL A 665 18.47 -0.79 -15.89
N GLY A 666 17.21 -1.08 -15.56
CA GLY A 666 16.22 -0.03 -15.41
C GLY A 666 16.20 0.50 -14.00
N THR A 667 16.34 1.80 -13.86
CA THR A 667 16.11 2.47 -12.59
C THR A 667 14.61 2.68 -12.43
N LEU A 668 14.23 3.46 -11.43
CA LEU A 668 12.86 3.92 -11.32
C LEU A 668 12.71 5.26 -12.03
N GLY A 669 12.33 5.21 -13.30
CA GLY A 669 12.14 6.41 -14.09
C GLY A 669 13.10 6.57 -15.24
N GLN A 670 14.11 5.71 -15.35
CA GLN A 670 15.05 5.75 -16.47
C GLN A 670 15.49 4.33 -16.79
N ALA A 671 16.03 4.17 -17.97
CA ALA A 671 16.65 2.91 -18.38
C ALA A 671 18.09 3.19 -18.80
N VAL A 672 19.00 2.38 -18.31
CA VAL A 672 20.42 2.47 -18.68
C VAL A 672 20.77 1.27 -19.54
N VAL A 673 21.63 1.48 -20.52
CA VAL A 673 22.11 0.43 -21.41
C VAL A 673 23.64 0.46 -21.39
N PHE A 674 24.26 -0.67 -21.07
CA PHE A 674 25.70 -0.79 -20.96
C PHE A 674 26.23 -1.68 -22.08
N ARG A 675 27.18 -1.16 -22.83
CA ARG A 675 27.94 -1.99 -23.75
C ARG A 675 28.86 -2.89 -22.94
N SER A 676 29.44 -3.88 -23.61
CA SER A 676 30.35 -4.83 -22.97
C SER A 676 31.67 -4.87 -23.73
N ARG A 677 32.74 -5.20 -23.00
CA ARG A 677 34.09 -5.05 -23.52
C ARG A 677 34.66 -6.38 -24.00
N PRO A 678 35.48 -6.39 -25.04
CA PRO A 678 36.16 -7.62 -25.45
C PRO A 678 37.13 -8.12 -24.39
N VAL A 679 37.28 -9.44 -24.31
CA VAL A 679 38.21 -10.06 -23.38
C VAL A 679 39.35 -10.68 -24.17
N VAL A 680 40.55 -10.13 -24.00
CA VAL A 680 41.75 -10.57 -24.71
C VAL A 680 42.61 -11.37 -23.75
N ARG A 681 42.92 -12.61 -24.11
CA ARG A 681 43.82 -13.47 -23.37
C ARG A 681 45.07 -13.67 -24.22
N LEU A 682 46.23 -13.30 -23.68
CA LEU A 682 47.44 -13.17 -24.47
C LEU A 682 48.29 -14.44 -24.41
N LYS A 683 48.58 -15.00 -25.58
CA LYS A 683 49.63 -16.00 -25.72
C LYS A 683 50.99 -15.34 -25.60
N VAL A 684 51.86 -15.91 -24.78
CA VAL A 684 53.19 -15.36 -24.52
C VAL A 684 54.22 -16.47 -24.67
N SER A 685 55.26 -16.20 -25.47
CA SER A 685 56.29 -17.19 -25.76
C SER A 685 57.63 -16.45 -25.84
N MET A 686 58.72 -17.22 -25.83
CA MET A 686 60.03 -16.61 -25.71
C MET A 686 61.10 -17.59 -26.17
N ALA A 687 62.29 -17.04 -26.43
CA ALA A 687 63.44 -17.83 -26.81
C ALA A 687 64.69 -17.12 -26.29
N PHE A 688 65.81 -17.85 -26.24
CA PHE A 688 67.05 -17.34 -25.72
C PHE A 688 68.19 -17.57 -26.70
N THR A 689 69.25 -16.80 -26.54
CA THR A 689 70.49 -16.96 -27.30
C THR A 689 71.68 -16.68 -26.40
N PRO A 690 72.54 -17.67 -26.07
CA PRO A 690 72.52 -19.08 -26.47
C PRO A 690 71.43 -19.86 -25.75
N SER A 691 71.03 -21.01 -26.29
CA SER A 691 69.87 -21.72 -25.74
C SER A 691 70.09 -22.14 -24.30
N ALA A 692 71.26 -22.68 -23.97
CA ALA A 692 71.58 -23.10 -22.62
C ALA A 692 72.88 -22.45 -22.19
N LEU A 693 72.88 -21.86 -21.00
CA LEU A 693 74.03 -21.08 -20.56
C LEU A 693 75.29 -21.94 -20.56
N PRO A 694 76.34 -21.56 -21.29
CA PRO A 694 77.57 -22.34 -21.29
C PRO A 694 78.22 -22.40 -19.91
N ILE A 695 79.37 -23.07 -19.87
CA ILE A 695 80.12 -23.19 -18.63
C ILE A 695 80.90 -21.91 -18.40
N GLY A 696 80.70 -21.27 -17.25
CA GLY A 696 81.35 -20.01 -16.97
C GLY A 696 81.06 -18.94 -18.00
N PHE A 697 79.80 -18.81 -18.42
CA PHE A 697 79.46 -17.93 -19.51
C PHE A 697 79.53 -16.48 -19.06
N ASN A 698 80.40 -15.71 -19.72
CA ASN A 698 80.46 -14.27 -19.57
C ASN A 698 79.83 -13.53 -20.75
N GLY A 699 79.31 -14.26 -21.73
CA GLY A 699 78.85 -13.66 -22.97
C GLY A 699 77.41 -13.18 -22.90
N VAL A 700 76.91 -12.80 -24.08
CA VAL A 700 75.60 -12.17 -24.18
C VAL A 700 74.49 -13.17 -23.87
N VAL A 701 73.45 -12.69 -23.19
CA VAL A 701 72.22 -13.44 -23.02
C VAL A 701 71.12 -12.66 -23.73
N ASN A 702 70.93 -12.92 -25.01
CA ASN A 702 69.91 -12.24 -25.78
C ASN A 702 68.58 -12.96 -25.63
N VAL A 703 67.50 -12.19 -25.55
CA VAL A 703 66.16 -12.70 -25.30
C VAL A 703 65.26 -12.32 -26.47
N ARG A 704 64.16 -13.04 -26.61
CA ARG A 704 63.05 -12.67 -27.48
C ARG A 704 61.75 -12.98 -26.75
N LEU A 705 60.84 -12.01 -26.71
CA LEU A 705 59.60 -12.15 -25.97
C LEU A 705 58.44 -11.78 -26.90
N CYS A 706 57.77 -12.80 -27.43
CA CYS A 706 56.72 -12.62 -28.43
C CYS A 706 55.36 -12.73 -27.77
N PHE A 707 54.49 -11.76 -28.08
CA PHE A 707 53.12 -11.71 -27.60
C PHE A 707 52.16 -11.89 -28.77
N GLU A 708 51.03 -12.54 -28.51
CA GLU A 708 49.99 -12.72 -29.52
C GLU A 708 48.66 -12.93 -28.82
N ILE A 709 47.58 -12.88 -29.59
CA ILE A 709 46.24 -13.04 -29.05
C ILE A 709 45.81 -14.49 -29.20
N SER A 710 45.02 -14.97 -28.26
CA SER A 710 44.57 -16.36 -28.26
C SER A 710 43.08 -16.51 -28.58
N SER A 711 42.28 -15.46 -28.41
CA SER A 711 40.87 -15.50 -28.78
C SER A 711 40.49 -14.18 -29.44
N VAL A 712 39.79 -14.28 -30.56
CA VAL A 712 39.54 -13.12 -31.42
C VAL A 712 38.06 -13.01 -31.73
N THR A 713 37.56 -11.78 -31.73
CA THR A 713 36.23 -11.46 -32.23
C THR A 713 36.32 -10.14 -33.00
N THR A 714 35.23 -9.77 -33.66
CA THR A 714 35.22 -8.51 -34.39
C THR A 714 35.42 -7.32 -33.46
N ALA A 715 34.73 -7.32 -32.32
CA ALA A 715 34.87 -6.22 -31.37
C ALA A 715 36.28 -6.15 -30.81
N SER A 716 36.89 -7.29 -30.50
CA SER A 716 38.25 -7.29 -30.00
C SER A 716 39.21 -6.71 -31.04
N GLU A 717 38.98 -7.01 -32.31
CA GLU A 717 39.79 -6.38 -33.37
C GLU A 717 39.54 -4.88 -33.42
N SER A 718 38.30 -4.44 -33.25
CA SER A 718 37.98 -3.02 -33.34
C SER A 718 38.63 -2.23 -32.22
N GLY A 719 38.64 -2.76 -30.99
CA GLY A 719 39.09 -2.00 -29.84
C GLY A 719 40.48 -2.33 -29.33
N LEU A 720 41.05 -3.46 -29.77
CA LEU A 720 42.33 -3.91 -29.22
C LEU A 720 43.43 -2.88 -29.43
N ARG A 721 43.27 -2.00 -30.40
CA ARG A 721 44.39 -1.27 -30.97
C ARG A 721 44.40 0.20 -30.59
N GLU A 722 43.75 0.56 -29.48
CA GLU A 722 43.93 1.88 -28.87
C GLU A 722 44.18 1.81 -27.38
N ALA A 723 44.25 0.61 -26.80
CA ALA A 723 44.76 0.45 -25.46
C ALA A 723 46.26 0.24 -25.53
N LEU A 724 46.87 -0.11 -24.40
CA LEU A 724 48.31 -0.25 -24.29
C LEU A 724 48.67 -1.56 -23.61
N LEU A 725 49.86 -2.05 -23.87
CA LEU A 725 50.41 -3.21 -23.16
C LEU A 725 51.57 -2.74 -22.27
N ASN A 726 51.63 -3.30 -21.06
CA ASN A 726 52.62 -2.92 -20.05
C ASN A 726 53.17 -4.19 -19.42
N PHE A 727 54.43 -4.50 -19.69
CA PHE A 727 55.01 -5.75 -19.20
C PHE A 727 56.37 -5.52 -18.59
N THR A 728 56.62 -6.19 -17.48
CA THR A 728 57.87 -6.12 -16.74
C THR A 728 58.58 -7.46 -16.79
N LEU A 729 59.90 -7.44 -16.60
CA LEU A 729 60.70 -8.64 -16.55
C LEU A 729 61.36 -8.74 -15.19
N ASP A 730 61.16 -9.87 -14.52
CA ASP A 730 61.79 -10.20 -13.25
C ASP A 730 62.71 -11.39 -13.48
N VAL A 731 63.98 -11.24 -13.11
CA VAL A 731 65.04 -12.15 -13.52
C VAL A 731 65.53 -12.93 -12.30
N ASP A 732 65.66 -14.24 -12.45
CA ASP A 732 66.18 -15.11 -11.40
C ASP A 732 65.34 -15.02 -10.13
N VAL A 733 64.10 -15.51 -10.24
CA VAL A 733 63.14 -15.37 -9.15
C VAL A 733 63.58 -16.17 -7.93
N GLY A 734 63.45 -15.58 -6.75
CA GLY A 734 63.52 -16.29 -5.49
C GLY A 734 64.89 -16.37 -4.85
N LYS A 735 65.93 -15.89 -5.50
CA LYS A 735 67.27 -16.01 -4.93
C LYS A 735 67.64 -14.77 -4.13
N GLN A 736 68.61 -14.95 -3.23
CA GLN A 736 69.17 -13.81 -2.53
C GLN A 736 69.86 -12.85 -3.49
N ARG A 737 70.62 -13.37 -4.45
CA ARG A 737 71.28 -12.54 -5.46
C ARG A 737 71.02 -13.13 -6.83
N ARG A 738 71.03 -12.28 -7.85
CA ARG A 738 70.71 -12.70 -9.21
C ARG A 738 71.97 -13.03 -9.99
N ARG A 739 71.84 -13.95 -10.94
CA ARG A 739 72.92 -14.26 -11.85
C ARG A 739 72.91 -13.39 -13.11
N LEU A 740 71.77 -12.79 -13.44
CA LEU A 740 71.61 -12.11 -14.72
C LEU A 740 71.15 -10.68 -14.50
N GLN A 741 71.86 -9.74 -15.12
CA GLN A 741 71.52 -8.32 -15.18
C GLN A 741 70.32 -8.07 -16.09
N CYS A 742 69.97 -6.81 -16.22
CA CYS A 742 69.16 -6.33 -17.33
C CYS A 742 69.88 -5.15 -17.96
N SER A 743 70.37 -5.34 -19.20
CA SER A 743 71.27 -4.36 -19.82
C SER A 743 70.64 -2.97 -19.92
N ASP A 744 69.34 -2.88 -20.11
CA ASP A 744 68.61 -1.61 -19.95
C ASP A 744 67.66 -1.81 -18.78
N VAL A 745 68.10 -1.42 -17.58
CA VAL A 745 67.31 -1.65 -16.38
C VAL A 745 65.97 -0.94 -16.48
N ARG A 746 65.98 0.31 -16.98
CA ARG A 746 64.72 1.03 -17.15
C ARG A 746 63.77 0.28 -18.06
N SER A 747 64.30 -0.45 -19.04
CA SER A 747 63.46 -1.11 -20.03
C SER A 747 62.87 -2.41 -19.51
N CYS A 748 63.73 -3.39 -19.20
CA CYS A 748 63.23 -4.69 -18.79
C CYS A 748 62.32 -4.58 -17.58
N LEU A 749 62.75 -3.83 -16.56
CA LEU A 749 61.94 -3.69 -15.36
C LEU A 749 60.59 -3.06 -15.63
N GLY A 750 60.43 -2.38 -16.76
CA GLY A 750 59.13 -1.86 -17.14
C GLY A 750 59.08 -1.39 -18.59
N CYS A 751 58.05 -1.84 -19.31
CA CYS A 751 57.84 -1.42 -20.68
C CYS A 751 56.40 -1.01 -20.89
N LEU A 752 56.16 -0.18 -21.90
CA LEU A 752 54.82 0.30 -22.19
C LEU A 752 54.69 0.58 -23.69
N ARG A 753 54.11 -0.36 -24.41
CA ARG A 753 54.07 -0.34 -25.86
C ARG A 753 52.63 -0.21 -26.34
N GLU A 754 52.47 0.15 -27.61
CA GLU A 754 51.18 0.23 -28.27
C GLU A 754 51.10 -0.84 -29.35
N TRP A 755 49.89 -1.37 -29.58
CA TRP A 755 49.69 -2.56 -30.40
C TRP A 755 49.04 -2.18 -31.71
N SER A 756 49.59 -2.71 -32.82
CA SER A 756 49.33 -2.17 -34.14
C SER A 756 48.23 -2.87 -34.93
N SER A 757 48.42 -4.15 -35.25
CA SER A 757 47.55 -4.82 -36.19
C SER A 757 47.66 -6.32 -36.00
N GLY A 758 46.92 -7.05 -36.83
CA GLY A 758 46.93 -8.49 -36.78
C GLY A 758 46.74 -8.99 -35.38
N SER A 759 47.65 -9.84 -34.92
CA SER A 759 47.59 -10.39 -33.59
C SER A 759 48.94 -10.44 -32.88
N GLN A 760 50.02 -9.96 -33.50
CA GLN A 760 51.37 -10.18 -32.98
C GLN A 760 52.02 -8.87 -32.59
N LEU A 761 52.84 -8.93 -31.54
CA LEU A 761 53.66 -7.80 -31.10
C LEU A 761 54.81 -8.39 -30.30
N CYS A 762 56.02 -8.33 -30.87
CA CYS A 762 57.19 -8.97 -30.28
C CYS A 762 58.22 -7.93 -29.93
N GLU A 763 59.13 -8.29 -29.03
CA GLU A 763 60.19 -7.39 -28.60
C GLU A 763 61.45 -8.19 -28.34
N ASP A 764 62.60 -7.62 -28.65
CA ASP A 764 63.90 -8.21 -28.36
C ASP A 764 64.60 -7.38 -27.29
N LEU A 765 64.99 -8.03 -26.19
CA LEU A 765 65.59 -7.34 -25.06
C LEU A 765 66.84 -8.11 -24.62
N LEU A 766 67.77 -7.40 -24.01
CA LEU A 766 69.11 -7.91 -23.75
C LEU A 766 69.36 -8.06 -22.27
N LEU A 767 69.89 -9.22 -21.88
CA LEU A 767 70.42 -9.49 -20.56
C LEU A 767 71.89 -9.86 -20.68
N MET A 768 72.53 -10.09 -19.55
CA MET A 768 73.94 -10.49 -19.52
C MET A 768 74.34 -10.84 -18.09
N PRO A 769 75.52 -11.42 -17.89
CA PRO A 769 75.91 -11.84 -16.54
C PRO A 769 75.96 -10.67 -15.57
N THR A 770 75.59 -10.93 -14.32
CA THR A 770 75.54 -9.87 -13.33
C THR A 770 76.90 -9.21 -13.17
N GLU A 771 76.89 -7.90 -12.98
CA GLU A 771 78.13 -7.14 -12.85
C GLU A 771 78.87 -7.53 -11.57
N GLY A 772 80.19 -7.34 -11.58
CA GLY A 772 80.99 -7.68 -10.43
C GLY A 772 81.34 -9.17 -10.40
N GLU A 773 81.74 -9.63 -9.22
CA GLU A 773 82.09 -11.03 -9.06
C GLU A 773 80.88 -11.91 -9.35
N LEU A 774 81.09 -12.98 -10.11
CA LEU A 774 80.01 -13.89 -10.45
C LEU A 774 79.71 -14.82 -9.28
N CYS A 775 78.50 -15.37 -9.29
CA CYS A 775 78.06 -16.24 -8.20
C CYS A 775 78.95 -17.47 -8.12
N GLU A 776 79.13 -17.98 -6.90
CA GLU A 776 79.95 -19.15 -6.65
C GLU A 776 79.24 -20.22 -5.83
N GLU A 777 77.93 -20.08 -5.61
CA GLU A 777 77.19 -20.99 -4.76
C GLU A 777 76.02 -21.68 -5.47
N ASP A 778 75.58 -21.18 -6.63
CA ASP A 778 74.44 -21.76 -7.34
C ASP A 778 74.69 -21.83 -8.84
N CYS A 779 75.94 -22.00 -9.25
CA CYS A 779 76.27 -21.89 -10.67
C CYS A 779 75.59 -22.98 -11.49
N PHE A 780 75.35 -24.14 -10.89
CA PHE A 780 74.96 -25.32 -11.65
C PHE A 780 73.45 -25.49 -11.79
N SER A 781 72.65 -24.52 -11.34
CA SER A 781 71.20 -24.66 -11.37
C SER A 781 70.57 -23.73 -12.41
N ASN A 782 69.26 -23.89 -12.59
CA ASN A 782 68.53 -23.15 -13.60
C ASN A 782 68.18 -21.76 -13.13
N ALA A 783 67.88 -20.88 -14.07
CA ALA A 783 67.30 -19.59 -13.81
C ALA A 783 65.83 -19.58 -14.22
N SER A 784 65.11 -18.56 -13.77
CA SER A 784 63.67 -18.44 -14.05
C SER A 784 63.32 -17.00 -14.33
N VAL A 785 62.54 -16.76 -15.37
CA VAL A 785 62.18 -15.43 -15.84
C VAL A 785 60.67 -15.32 -15.85
N LYS A 786 60.15 -14.29 -15.19
CA LYS A 786 58.71 -14.09 -15.03
C LYS A 786 58.30 -12.79 -15.71
N VAL A 787 57.34 -12.86 -16.62
CA VAL A 787 56.82 -11.71 -17.34
C VAL A 787 55.42 -11.42 -16.83
N SER A 788 55.18 -10.18 -16.45
CA SER A 788 53.90 -9.75 -15.91
C SER A 788 53.34 -8.64 -16.79
N TYR A 789 52.13 -8.83 -17.28
CA TYR A 789 51.53 -7.92 -18.24
C TYR A 789 50.23 -7.36 -17.71
N GLN A 790 49.99 -6.10 -18.03
CA GLN A 790 48.77 -5.40 -17.70
C GLN A 790 48.38 -4.55 -18.91
N LEU A 791 47.09 -4.34 -19.08
CA LEU A 791 46.56 -3.61 -20.22
C LEU A 791 45.89 -2.35 -19.72
N GLN A 792 46.35 -1.20 -20.22
CA GLN A 792 45.87 0.11 -19.77
C GLN A 792 45.01 0.72 -20.85
N THR A 793 43.83 1.21 -20.47
CA THR A 793 42.86 1.74 -21.41
C THR A 793 42.68 3.24 -21.22
N PRO A 794 42.96 4.07 -22.22
CA PRO A 794 42.69 5.51 -22.06
C PRO A 794 41.20 5.78 -21.97
N GLU A 795 40.86 6.91 -21.33
CA GLU A 795 39.48 7.35 -21.24
C GLU A 795 39.06 8.21 -22.42
N GLY A 796 39.95 8.45 -23.38
CA GLY A 796 39.61 9.29 -24.50
C GLY A 796 38.37 8.82 -25.23
N GLN A 797 37.92 9.66 -26.17
CA GLN A 797 36.68 9.38 -26.89
C GLN A 797 36.92 8.45 -28.07
N THR A 798 37.45 7.26 -27.82
CA THR A 798 37.53 6.25 -28.85
C THR A 798 36.17 5.61 -29.06
N ASP A 799 35.73 5.57 -30.33
CA ASP A 799 34.37 5.14 -30.61
C ASP A 799 34.10 3.74 -30.08
N HIS A 800 35.14 2.92 -29.95
CA HIS A 800 34.96 1.49 -29.70
C HIS A 800 35.15 1.16 -28.23
N PRO A 801 34.63 0.02 -27.78
CA PRO A 801 34.88 -0.42 -26.40
C PRO A 801 36.26 -1.05 -26.28
N GLN A 802 37.06 -0.54 -25.35
CA GLN A 802 38.45 -0.96 -25.26
C GLN A 802 38.55 -2.27 -24.46
N PRO A 803 39.49 -3.14 -24.81
CA PRO A 803 39.50 -4.51 -24.30
C PRO A 803 39.87 -4.60 -22.83
N ILE A 804 39.88 -5.85 -22.34
CA ILE A 804 40.15 -6.14 -20.94
C ILE A 804 40.73 -7.54 -20.87
N LEU A 805 41.69 -7.74 -19.98
CA LEU A 805 42.28 -9.05 -19.78
C LEU A 805 41.37 -9.93 -18.95
N ASP A 806 41.42 -11.22 -19.21
CA ASP A 806 40.54 -12.17 -18.54
C ASP A 806 40.83 -12.17 -17.04
N ARG A 807 39.76 -12.17 -16.24
CA ARG A 807 39.92 -12.09 -14.79
C ARG A 807 40.34 -13.43 -14.21
N TYR A 808 39.99 -14.53 -14.86
CA TYR A 808 40.22 -15.87 -14.32
C TYR A 808 41.47 -16.52 -14.89
N THR A 809 42.32 -15.76 -15.57
CA THR A 809 43.57 -16.26 -16.11
C THR A 809 44.72 -15.47 -15.51
N GLU A 810 45.80 -16.16 -15.20
CA GLU A 810 46.93 -15.51 -14.56
C GLU A 810 47.50 -14.43 -15.48
N PRO A 811 47.90 -13.29 -14.94
CA PRO A 811 48.51 -12.25 -15.79
C PRO A 811 49.99 -12.48 -15.99
N PHE A 812 50.51 -13.61 -15.55
CA PHE A 812 51.95 -13.85 -15.56
C PHE A 812 52.25 -15.20 -16.18
N ALA A 813 53.45 -15.31 -16.74
CA ALA A 813 53.93 -16.53 -17.36
C ALA A 813 55.40 -16.68 -17.06
N ILE A 814 55.81 -17.89 -16.71
CA ILE A 814 57.16 -18.16 -16.22
C ILE A 814 57.84 -19.13 -17.18
N PHE A 815 59.11 -18.85 -17.47
CA PHE A 815 59.95 -19.70 -18.30
C PHE A 815 61.20 -20.09 -17.52
N GLN A 816 62.02 -20.93 -18.14
CA GLN A 816 63.26 -21.39 -17.54
C GLN A 816 64.42 -21.17 -18.50
N LEU A 817 65.56 -20.75 -17.95
CA LEU A 817 66.79 -20.61 -18.73
C LEU A 817 67.83 -21.59 -18.19
N PRO A 818 68.02 -22.76 -18.79
CA PRO A 818 68.90 -23.75 -18.21
C PRO A 818 70.36 -23.32 -18.23
N TYR A 819 71.19 -24.21 -17.68
CA TYR A 819 72.63 -24.04 -17.58
C TYR A 819 73.29 -25.35 -17.97
N GLU A 820 74.53 -25.27 -18.46
CA GLU A 820 75.23 -26.46 -18.97
C GLU A 820 76.15 -26.98 -17.89
N LYS A 821 75.76 -28.10 -17.26
CA LYS A 821 76.57 -28.71 -16.23
C LYS A 821 77.80 -29.36 -16.84
N ALA A 822 78.80 -29.62 -15.99
CA ALA A 822 80.05 -30.24 -16.45
C ALA A 822 79.96 -31.75 -16.55
N CYS A 823 78.83 -32.34 -16.16
CA CYS A 823 78.70 -33.79 -16.21
C CYS A 823 78.75 -34.29 -17.66
N LYS A 824 78.69 -35.62 -17.80
CA LYS A 824 78.72 -36.21 -19.13
C LYS A 824 77.62 -35.64 -20.02
N ASN A 825 76.45 -35.35 -19.44
CA ASN A 825 75.34 -34.74 -20.16
C ASN A 825 75.15 -33.32 -19.67
N LYS A 826 75.29 -32.35 -20.58
CA LYS A 826 75.20 -30.95 -20.19
C LYS A 826 73.82 -30.58 -19.67
N LEU A 827 72.76 -31.05 -20.33
CA LEU A 827 71.41 -30.66 -19.98
C LEU A 827 70.52 -31.87 -19.70
N PRO B 99 48.19 22.92 63.03
CA PRO B 99 46.80 22.85 62.59
C PRO B 99 46.42 21.47 62.05
N ARG B 100 45.16 21.08 62.25
CA ARG B 100 44.67 19.79 61.78
C ARG B 100 43.29 19.97 61.18
N GLY B 101 42.94 19.09 60.25
CA GLY B 101 41.67 19.19 59.55
C GLY B 101 40.52 18.61 60.34
N GLN B 102 39.31 18.82 59.80
CA GLN B 102 38.09 18.34 60.44
C GLN B 102 37.00 18.21 59.39
N GLN B 103 36.06 17.30 59.64
CA GLN B 103 34.90 17.09 58.78
C GLN B 103 33.66 16.98 59.67
N GLU B 104 32.53 17.48 59.16
CA GLU B 104 31.34 17.60 59.98
C GLU B 104 30.10 17.50 59.10
N VAL B 105 28.97 17.17 59.74
CA VAL B 105 27.66 17.15 59.10
C VAL B 105 26.78 18.17 59.82
N LEU B 106 26.06 18.99 59.06
CA LEU B 106 25.35 20.13 59.60
C LEU B 106 23.84 19.99 59.58
N GLN B 107 23.29 18.96 58.92
CA GLN B 107 21.85 18.79 58.86
C GLN B 107 21.53 17.31 58.72
N ASP B 108 20.30 16.95 59.09
CA ASP B 108 19.82 15.57 59.08
C ASP B 108 18.58 15.46 58.21
N GLN B 109 18.47 14.35 57.47
CA GLN B 109 17.31 14.10 56.63
C GLN B 109 17.18 12.59 56.38
N PRO B 110 16.06 11.97 56.72
CA PRO B 110 15.89 10.54 56.45
C PRO B 110 15.34 10.30 55.04
N LEU B 111 15.41 9.03 54.64
CA LEU B 111 14.85 8.62 53.36
C LEU B 111 13.35 8.37 53.49
N SER B 112 12.66 8.41 52.36
CA SER B 112 11.21 8.23 52.34
C SER B 112 10.83 7.51 51.04
N GLN B 113 9.56 7.12 50.96
CA GLN B 113 9.05 6.36 49.82
C GLN B 113 7.80 7.00 49.23
N GLY B 114 7.80 8.31 49.01
CA GLY B 114 6.66 8.96 48.41
C GLY B 114 6.74 8.99 46.89
N ALA B 115 5.56 9.09 46.26
CA ALA B 115 5.49 9.17 44.81
C ALA B 115 5.91 10.54 44.31
N ARG B 116 5.46 11.61 44.99
CA ARG B 116 5.73 12.98 44.59
C ARG B 116 6.93 13.53 45.34
N GLY B 117 7.50 14.61 44.81
CA GLY B 117 8.76 15.13 45.32
C GLY B 117 8.75 15.44 46.80
N GLU B 118 7.69 16.05 47.31
CA GLU B 118 7.63 16.38 48.73
C GLU B 118 7.61 15.12 49.59
N GLY B 119 6.92 14.07 49.15
CA GLY B 119 6.87 12.82 49.89
C GLY B 119 8.06 11.92 49.61
N ALA B 120 8.88 12.31 48.63
CA ALA B 120 10.01 11.48 48.23
C ALA B 120 11.34 12.10 48.70
N THR B 121 12.36 11.25 48.78
CA THR B 121 13.70 11.67 49.14
C THR B 121 14.67 11.12 48.10
N GLN B 122 15.62 11.95 47.68
CA GLN B 122 16.55 11.58 46.61
C GLN B 122 17.99 11.43 47.10
N LEU B 123 18.40 12.18 48.13
CA LEU B 123 19.80 12.25 48.50
C LEU B 123 19.94 12.40 50.01
N ALA B 124 21.20 12.36 50.46
CA ALA B 124 21.58 12.52 51.85
C ALA B 124 21.22 13.92 52.35
N PRO B 125 21.38 14.21 53.64
CA PRO B 125 21.10 15.57 54.12
C PRO B 125 21.81 16.64 53.32
N GLN B 126 21.39 17.88 53.53
CA GLN B 126 21.68 18.96 52.58
C GLN B 126 22.97 19.70 52.89
N ARG B 127 23.47 19.66 54.13
CA ARG B 127 24.55 20.55 54.54
C ARG B 127 25.66 19.75 55.20
N VAL B 128 26.92 20.13 54.92
CA VAL B 128 28.10 19.55 55.55
C VAL B 128 29.18 20.62 55.57
N ARG B 129 30.26 20.34 56.29
CA ARG B 129 31.39 21.27 56.41
C ARG B 129 32.69 20.49 56.37
N VAL B 130 33.73 21.12 55.83
CA VAL B 130 35.06 20.52 55.70
C VAL B 130 36.08 21.63 55.83
N THR B 131 37.01 21.48 56.78
CA THR B 131 38.11 22.43 56.96
C THR B 131 39.37 21.79 56.39
N LEU B 132 39.82 22.30 55.25
CA LEU B 132 40.98 21.73 54.58
C LEU B 132 42.26 22.46 54.98
N ARG B 133 43.36 21.72 54.96
CA ARG B 133 44.68 22.26 55.19
C ARG B 133 45.63 21.66 54.16
N PRO B 134 46.75 22.32 53.87
CA PRO B 134 47.68 21.80 52.85
C PRO B 134 48.08 20.35 53.10
N GLY B 135 47.75 19.47 52.15
CA GLY B 135 48.15 18.08 52.25
C GLY B 135 47.40 17.27 53.27
N GLU B 136 46.18 17.68 53.65
CA GLU B 136 45.39 16.99 54.65
C GLU B 136 43.98 16.78 54.11
N PRO B 137 43.77 15.77 53.27
CA PRO B 137 42.45 15.54 52.70
C PRO B 137 41.41 15.15 53.76
N GLN B 138 40.16 15.49 53.48
CA GLN B 138 39.02 15.10 54.30
C GLN B 138 37.96 14.51 53.38
N GLN B 139 37.03 13.75 53.97
CA GLN B 139 36.08 12.97 53.20
C GLN B 139 34.66 13.20 53.70
N LEU B 140 33.70 12.95 52.80
CA LEU B 140 32.27 13.04 53.08
C LEU B 140 31.57 11.83 52.47
N GLN B 141 30.40 11.49 53.00
CA GLN B 141 29.63 10.35 52.53
C GLN B 141 28.30 10.81 51.96
N VAL B 142 27.86 10.11 50.91
CA VAL B 142 26.62 10.43 50.22
C VAL B 142 25.85 9.15 49.97
N ARG B 143 24.53 9.27 49.79
CA ARG B 143 23.67 8.14 49.44
C ARG B 143 22.57 8.65 48.51
N PHE B 144 22.07 7.76 47.66
CA PHE B 144 21.06 8.10 46.66
C PHE B 144 19.94 7.06 46.68
N LEU B 145 18.73 7.51 46.33
CA LEU B 145 17.56 6.65 46.30
C LEU B 145 16.60 7.18 45.25
N ARG B 146 16.02 6.29 44.45
CA ARG B 146 15.03 6.66 43.45
C ARG B 146 13.64 6.37 43.99
N ALA B 147 13.17 7.23 44.89
CA ALA B 147 11.86 7.04 45.49
C ALA B 147 10.74 7.42 44.54
N GLU B 148 10.93 8.43 43.71
CA GLU B 148 9.95 8.78 42.69
C GLU B 148 10.06 7.84 41.50
N GLY B 149 9.02 7.79 40.67
CA GLY B 149 9.05 6.99 39.47
C GLY B 149 9.38 7.82 38.23
N TYR B 150 9.92 7.14 37.22
CA TYR B 150 10.28 7.82 35.99
C TYR B 150 9.01 8.31 35.29
N PRO B 151 9.14 9.28 34.40
CA PRO B 151 8.01 9.62 33.52
C PRO B 151 7.85 8.55 32.45
N VAL B 152 6.66 8.50 31.87
CA VAL B 152 6.33 7.50 30.86
C VAL B 152 5.56 8.17 29.73
N ASP B 153 5.64 7.57 28.54
CA ASP B 153 4.83 7.97 27.40
C ASP B 153 4.26 6.71 26.77
N LEU B 154 2.98 6.76 26.39
CA LEU B 154 2.25 5.56 26.01
C LEU B 154 1.27 5.87 24.89
N TYR B 155 1.55 5.36 23.70
CA TYR B 155 0.71 5.55 22.53
C TYR B 155 -0.13 4.29 22.35
N TYR B 156 -1.44 4.45 22.37
CA TYR B 156 -2.36 3.35 22.19
C TYR B 156 -2.85 3.39 20.75
N LEU B 157 -2.55 2.35 19.99
CA LEU B 157 -2.83 2.32 18.56
C LEU B 157 -3.67 1.09 18.26
N MET B 158 -4.95 1.29 17.96
CA MET B 158 -5.92 0.22 17.84
C MET B 158 -6.48 0.11 16.43
N ASP B 159 -6.78 -1.11 16.03
CA ASP B 159 -7.35 -1.39 14.73
C ASP B 159 -8.83 -1.08 14.73
N LEU B 160 -9.30 -0.40 13.68
CA LEU B 160 -10.71 -0.09 13.53
C LEU B 160 -11.30 -0.68 12.26
N SER B 161 -10.96 -1.93 11.94
CA SER B 161 -11.63 -2.64 10.86
C SER B 161 -12.86 -3.35 11.41
N TYR B 162 -13.67 -3.90 10.50
CA TYR B 162 -14.97 -4.40 10.92
C TYR B 162 -14.86 -5.68 11.72
N SER B 163 -13.81 -6.46 11.52
CA SER B 163 -13.62 -7.67 12.30
C SER B 163 -13.41 -7.38 13.77
N MET B 164 -13.22 -6.11 14.14
CA MET B 164 -12.96 -5.72 15.51
C MET B 164 -14.19 -5.30 16.27
N LYS B 165 -15.37 -5.32 15.63
CA LYS B 165 -16.57 -4.84 16.29
C LYS B 165 -16.82 -5.57 17.60
N ASP B 166 -16.67 -6.90 17.60
CA ASP B 166 -16.87 -7.66 18.82
C ASP B 166 -15.76 -7.44 19.84
N ASP B 167 -14.57 -7.05 19.40
CA ASP B 167 -13.43 -6.89 20.30
C ASP B 167 -13.24 -5.47 20.82
N LEU B 168 -14.10 -4.53 20.43
CA LEU B 168 -13.85 -3.14 20.80
C LEU B 168 -14.11 -2.89 22.27
N GLU B 169 -15.05 -3.63 22.87
CA GLU B 169 -15.24 -3.50 24.31
C GLU B 169 -13.95 -3.84 25.05
N ARG B 170 -13.25 -4.88 24.59
CA ARG B 170 -12.00 -5.27 25.25
C ARG B 170 -10.96 -4.16 25.20
N VAL B 171 -10.79 -3.51 24.05
CA VAL B 171 -9.76 -2.46 23.95
C VAL B 171 -10.18 -1.25 24.78
N ARG B 172 -11.47 -0.92 24.75
CA ARG B 172 -11.95 0.22 25.51
C ARG B 172 -11.74 0.00 27.00
N GLN B 173 -11.90 -1.24 27.47
CA GLN B 173 -11.62 -1.52 28.87
C GLN B 173 -10.12 -1.59 29.15
N LEU B 174 -9.34 -2.08 28.17
CA LEU B 174 -7.91 -2.20 28.36
C LEU B 174 -7.27 -0.85 28.56
N GLY B 175 -7.71 0.16 27.81
CA GLY B 175 -7.18 1.50 27.99
C GLY B 175 -7.37 1.99 29.42
N HIS B 176 -8.58 1.83 29.95
CA HIS B 176 -8.89 2.31 31.29
C HIS B 176 -8.09 1.54 32.35
N ALA B 177 -8.03 0.21 32.22
CA ALA B 177 -7.33 -0.60 33.21
C ALA B 177 -5.82 -0.39 33.16
N LEU B 178 -5.29 -0.01 32.00
CA LEU B 178 -3.89 0.38 31.89
C LEU B 178 -3.64 1.74 32.52
N LEU B 179 -4.49 2.72 32.20
CA LEU B 179 -4.24 4.07 32.66
C LEU B 179 -4.35 4.16 34.17
N VAL B 180 -5.32 3.45 34.76
CA VAL B 180 -5.45 3.50 36.21
C VAL B 180 -4.19 2.95 36.88
N ARG B 181 -3.73 1.80 36.41
CA ARG B 181 -2.55 1.18 37.01
C ARG B 181 -1.33 2.08 36.87
N LEU B 182 -1.09 2.60 35.67
CA LEU B 182 0.09 3.42 35.47
C LEU B 182 0.02 4.69 36.30
N GLN B 183 -1.15 5.31 36.39
CA GLN B 183 -1.27 6.55 37.15
C GLN B 183 -1.21 6.32 38.64
N GLU B 184 -1.47 5.10 39.12
CA GLU B 184 -1.28 4.80 40.53
C GLU B 184 0.19 4.70 40.92
N VAL B 185 1.08 4.50 39.95
CA VAL B 185 2.50 4.31 40.21
C VAL B 185 3.31 5.55 39.88
N THR B 186 3.28 6.00 38.62
CA THR B 186 4.03 7.16 38.17
C THR B 186 3.14 8.39 38.17
N HIS B 187 3.71 9.51 38.60
CA HIS B 187 2.95 10.75 38.75
C HIS B 187 2.72 11.44 37.41
N SER B 188 3.52 11.11 36.39
CA SER B 188 3.60 11.96 35.21
C SER B 188 3.40 11.19 33.91
N VAL B 189 2.40 10.33 33.85
CA VAL B 189 2.16 9.54 32.66
C VAL B 189 1.51 10.42 31.58
N ARG B 190 1.82 10.12 30.33
CA ARG B 190 1.15 10.70 29.17
C ARG B 190 0.64 9.57 28.29
N ILE B 191 -0.58 9.71 27.79
CA ILE B 191 -1.23 8.66 27.00
C ILE B 191 -1.90 9.28 25.79
N GLY B 192 -1.60 8.72 24.62
CA GLY B 192 -2.14 9.22 23.37
C GLY B 192 -3.04 8.17 22.76
N PHE B 193 -3.33 8.33 21.47
CA PHE B 193 -4.28 7.44 20.82
C PHE B 193 -4.22 7.64 19.31
N GLY B 194 -4.12 6.54 18.57
CA GLY B 194 -4.16 6.58 17.12
C GLY B 194 -4.99 5.43 16.60
N SER B 195 -5.16 5.39 15.28
CA SER B 195 -6.03 4.41 14.65
C SER B 195 -5.52 4.04 13.27
N PHE B 196 -6.07 2.96 12.72
CA PHE B 196 -5.67 2.51 11.39
C PHE B 196 -6.64 1.45 10.87
N VAL B 197 -6.84 1.45 9.55
CA VAL B 197 -7.65 0.41 8.91
C VAL B 197 -6.87 -0.30 7.81
N ASP B 198 -6.56 0.39 6.73
CA ASP B 198 -5.85 -0.21 5.60
C ASP B 198 -5.67 0.86 4.51
N LYS B 199 -4.92 0.49 3.47
CA LYS B 199 -4.73 1.38 2.33
C LYS B 199 -5.99 1.46 1.47
N THR B 200 -6.18 2.61 0.82
CA THR B 200 -7.40 2.86 0.06
C THR B 200 -7.24 2.53 -1.42
N VAL B 201 -6.89 1.29 -1.74
CA VAL B 201 -6.74 0.84 -3.11
C VAL B 201 -7.41 -0.50 -3.27
N LEU B 202 -7.84 -0.80 -4.49
CA LEU B 202 -8.89 -1.80 -4.73
C LEU B 202 -8.72 -3.10 -3.95
N PRO B 203 -7.65 -3.86 -4.18
CA PRO B 203 -7.60 -5.21 -3.59
C PRO B 203 -7.71 -5.21 -2.08
N PHE B 204 -7.35 -4.13 -1.41
CA PHE B 204 -7.41 -4.02 0.05
C PHE B 204 -8.69 -3.38 0.53
N VAL B 205 -9.09 -2.26 -0.06
CA VAL B 205 -10.27 -1.50 0.33
C VAL B 205 -11.10 -1.26 -0.93
N SER B 206 -12.40 -1.48 -0.83
CA SER B 206 -13.27 -1.24 -1.97
C SER B 206 -13.27 0.23 -2.34
N THR B 207 -13.38 0.51 -3.64
CA THR B 207 -13.23 1.86 -4.16
C THR B 207 -14.54 2.48 -4.63
N VAL B 208 -15.59 1.69 -4.80
CA VAL B 208 -16.86 2.26 -5.25
C VAL B 208 -17.31 3.32 -4.24
N PRO B 209 -17.76 4.49 -4.69
CA PRO B 209 -17.97 5.59 -3.72
C PRO B 209 -18.91 5.23 -2.58
N SER B 210 -19.97 4.47 -2.86
CA SER B 210 -20.94 4.18 -1.83
C SER B 210 -20.31 3.47 -0.65
N LYS B 211 -19.48 2.44 -0.92
CA LYS B 211 -18.84 1.72 0.15
C LYS B 211 -17.68 2.51 0.75
N LEU B 212 -17.08 3.41 -0.02
CA LEU B 212 -16.02 4.26 0.50
C LEU B 212 -16.56 5.25 1.51
N ARG B 213 -17.83 5.63 1.39
CA ARG B 213 -18.45 6.48 2.40
C ARG B 213 -18.93 5.66 3.60
N HIS B 214 -19.58 4.52 3.34
CA HIS B 214 -20.21 3.72 4.38
C HIS B 214 -19.76 2.27 4.23
N PRO B 215 -18.60 1.92 4.79
CA PRO B 215 -18.04 0.58 4.55
C PRO B 215 -18.84 -0.57 5.15
N CYS B 216 -19.72 -0.33 6.11
CA CYS B 216 -20.38 -1.40 6.83
C CYS B 216 -21.43 -2.08 5.96
N PRO B 217 -21.85 -3.29 6.33
CA PRO B 217 -22.82 -4.01 5.50
C PRO B 217 -24.15 -3.28 5.31
N THR B 218 -24.65 -2.59 6.34
CA THR B 218 -25.95 -1.95 6.29
C THR B 218 -25.81 -0.47 6.59
N ARG B 219 -26.72 0.33 6.02
CA ARG B 219 -26.64 1.77 6.19
C ARG B 219 -27.17 2.26 7.53
N LEU B 220 -27.77 1.38 8.34
CA LEU B 220 -28.17 1.78 9.67
C LEU B 220 -27.01 1.72 10.65
N GLU B 221 -25.90 1.09 10.28
CA GLU B 221 -24.75 0.99 11.16
C GLU B 221 -24.07 2.34 11.31
N ARG B 222 -23.48 2.59 12.47
CA ARG B 222 -22.68 3.79 12.70
C ARG B 222 -21.23 3.48 12.34
N CYS B 223 -20.71 4.12 11.30
CA CYS B 223 -19.42 3.74 10.75
C CYS B 223 -18.69 4.97 10.25
N GLN B 224 -17.49 4.74 9.72
CA GLN B 224 -16.56 5.80 9.34
C GLN B 224 -15.74 5.36 8.14
N SER B 225 -15.28 6.33 7.36
CA SER B 225 -14.65 6.03 6.09
C SER B 225 -13.27 5.41 6.32
N PRO B 226 -12.79 4.59 5.39
CA PRO B 226 -11.50 3.93 5.58
C PRO B 226 -10.33 4.91 5.57
N PHE B 227 -9.27 4.53 6.29
CA PHE B 227 -8.06 5.33 6.34
C PHE B 227 -6.89 4.41 6.72
N SER B 228 -5.68 4.89 6.46
CA SER B 228 -4.50 4.11 6.78
C SER B 228 -3.98 4.40 8.19
N PHE B 229 -3.94 5.67 8.57
CA PHE B 229 -3.54 6.04 9.92
C PHE B 229 -4.14 7.40 10.25
N HIS B 230 -4.77 7.50 11.41
CA HIS B 230 -5.44 8.72 11.83
C HIS B 230 -5.05 9.02 13.26
N HIS B 231 -4.12 9.96 13.43
CA HIS B 231 -3.64 10.35 14.75
C HIS B 231 -4.73 11.19 15.41
N VAL B 232 -5.25 10.72 16.54
CA VAL B 232 -6.44 11.30 17.12
C VAL B 232 -6.13 12.17 18.33
N LEU B 233 -5.16 11.81 19.14
CA LEU B 233 -4.92 12.53 20.40
C LEU B 233 -3.43 12.49 20.72
N SER B 234 -2.79 13.64 20.65
CA SER B 234 -1.37 13.72 20.97
C SER B 234 -1.16 13.43 22.45
N LEU B 235 0.02 12.93 22.77
CA LEU B 235 0.30 12.48 24.13
C LEU B 235 0.02 13.60 25.12
N THR B 236 -0.81 13.31 26.11
CA THR B 236 -1.33 14.32 27.03
C THR B 236 -1.47 13.72 28.42
N GLY B 237 -1.45 14.60 29.42
CA GLY B 237 -1.70 14.19 30.79
C GLY B 237 -3.16 14.14 31.19
N ASP B 238 -4.06 14.51 30.30
CA ASP B 238 -5.49 14.53 30.58
C ASP B 238 -6.06 13.13 30.40
N ALA B 239 -6.25 12.44 31.52
CA ALA B 239 -6.81 11.09 31.46
C ALA B 239 -8.24 11.11 30.92
N GLN B 240 -9.06 12.03 31.40
CA GLN B 240 -10.46 12.06 30.98
C GLN B 240 -10.56 12.28 29.48
N ALA B 241 -9.65 13.05 28.91
CA ALA B 241 -9.67 13.24 27.46
C ALA B 241 -9.42 11.93 26.75
N PHE B 242 -8.46 11.14 27.25
CA PHE B 242 -8.17 9.85 26.62
C PHE B 242 -9.38 8.94 26.70
N GLU B 243 -10.03 8.89 27.86
CA GLU B 243 -11.20 8.03 28.01
C GLU B 243 -12.34 8.50 27.09
N ARG B 244 -12.59 9.80 27.04
CA ARG B 244 -13.66 10.33 26.21
C ARG B 244 -13.41 10.05 24.74
N GLU B 245 -12.16 10.23 24.30
CA GLU B 245 -11.85 10.01 22.89
C GLU B 245 -11.90 8.54 22.52
N VAL B 246 -11.29 7.67 23.34
CA VAL B 246 -11.30 6.25 23.00
C VAL B 246 -12.72 5.70 23.02
N GLY B 247 -13.62 6.36 23.74
CA GLY B 247 -15.00 5.93 23.82
C GLY B 247 -15.92 6.53 22.78
N ARG B 248 -15.37 7.06 21.70
CA ARG B 248 -16.13 7.80 20.71
C ARG B 248 -15.92 7.30 19.28
N GLN B 249 -14.83 6.58 19.01
CA GLN B 249 -14.55 6.14 17.66
C GLN B 249 -15.55 5.08 17.21
N SER B 250 -15.70 4.95 15.91
CA SER B 250 -16.60 4.01 15.28
C SER B 250 -15.84 3.12 14.33
N VAL B 251 -16.49 2.04 13.91
CA VAL B 251 -15.82 1.03 13.09
C VAL B 251 -15.85 1.44 11.63
N SER B 252 -14.87 0.95 10.88
CA SER B 252 -14.75 1.15 9.45
C SER B 252 -14.82 -0.22 8.76
N GLY B 253 -14.61 -0.25 7.46
CA GLY B 253 -14.65 -1.50 6.73
C GLY B 253 -13.34 -1.75 6.02
N ASN B 254 -13.35 -2.79 5.19
CA ASN B 254 -12.15 -3.30 4.55
C ASN B 254 -12.57 -4.44 3.63
N LEU B 255 -11.61 -4.97 2.87
CA LEU B 255 -11.93 -6.05 1.95
C LEU B 255 -11.20 -7.34 2.30
N ASP B 256 -9.99 -7.24 2.85
CA ASP B 256 -9.15 -8.41 3.11
C ASP B 256 -8.79 -8.48 4.59
N SER B 257 -8.62 -9.70 5.08
CA SER B 257 -8.36 -9.95 6.49
C SER B 257 -7.08 -9.25 6.95
N PRO B 258 -5.97 -9.35 6.20
CA PRO B 258 -4.78 -8.61 6.60
C PRO B 258 -5.07 -7.12 6.74
N GLU B 259 -4.55 -6.54 7.82
CA GLU B 259 -4.73 -5.13 8.12
C GLU B 259 -3.37 -4.46 8.16
N GLY B 260 -3.30 -3.25 7.63
CA GLY B 260 -2.04 -2.54 7.51
C GLY B 260 -1.68 -1.70 8.71
N GLY B 261 -1.23 -2.34 9.78
CA GLY B 261 -0.81 -1.59 10.97
C GLY B 261 0.66 -1.26 10.98
N PHE B 262 1.43 -1.91 10.10
CA PHE B 262 2.85 -1.61 10.01
C PHE B 262 3.10 -0.17 9.59
N ASP B 263 2.29 0.35 8.67
CA ASP B 263 2.41 1.74 8.28
C ASP B 263 2.19 2.66 9.48
N ALA B 264 1.18 2.35 10.28
CA ALA B 264 0.89 3.15 11.46
C ALA B 264 2.04 3.12 12.44
N ILE B 265 2.61 1.94 12.68
CA ILE B 265 3.73 1.84 13.62
C ILE B 265 4.92 2.65 13.11
N LEU B 266 5.23 2.53 11.82
CA LEU B 266 6.35 3.27 11.27
C LEU B 266 6.11 4.78 11.39
N GLN B 267 4.90 5.23 11.08
CA GLN B 267 4.62 6.65 11.13
C GLN B 267 4.64 7.17 12.56
N ALA B 268 4.18 6.35 13.52
CA ALA B 268 4.29 6.74 14.92
C ALA B 268 5.75 6.87 15.34
N ALA B 269 6.60 5.97 14.86
CA ALA B 269 8.03 6.06 15.18
C ALA B 269 8.65 7.31 14.57
N LEU B 270 8.30 7.62 13.32
CA LEU B 270 8.99 8.65 12.54
C LEU B 270 8.42 10.05 12.74
N CYS B 271 7.22 10.17 13.27
CA CYS B 271 6.52 11.46 13.33
C CYS B 271 6.67 12.14 14.68
N GLN B 272 7.85 12.02 15.29
CA GLN B 272 8.00 12.36 16.69
C GLN B 272 7.47 13.76 17.01
N GLU B 273 7.74 14.73 16.15
CA GLU B 273 7.48 16.12 16.52
C GLU B 273 6.00 16.38 16.76
N GLN B 274 5.11 15.69 16.04
CA GLN B 274 3.67 15.94 16.16
C GLN B 274 2.91 14.86 16.90
N ILE B 275 3.50 13.68 17.12
CA ILE B 275 2.89 12.73 18.04
C ILE B 275 3.01 13.23 19.46
N GLY B 276 4.14 13.83 19.81
CA GLY B 276 4.31 14.46 21.10
C GLY B 276 5.25 13.76 22.05
N TRP B 277 6.20 12.98 21.54
CA TRP B 277 7.09 12.25 22.43
C TRP B 277 7.93 13.23 23.24
N ARG B 278 8.14 12.90 24.52
CA ARG B 278 8.89 13.75 25.41
C ARG B 278 10.38 13.41 25.48
N ASN B 279 10.81 12.35 24.81
CA ASN B 279 12.20 11.90 24.90
C ASN B 279 12.54 11.43 26.31
N VAL B 280 11.65 10.64 26.91
CA VAL B 280 11.89 10.15 28.26
C VAL B 280 11.79 8.62 28.36
N SER B 281 10.64 8.06 28.02
CA SER B 281 10.47 6.61 28.00
C SER B 281 9.17 6.32 27.25
N ARG B 282 9.23 5.41 26.28
CA ARG B 282 8.17 5.29 25.28
C ARG B 282 7.67 3.85 25.25
N LEU B 283 6.36 3.71 25.08
CA LEU B 283 5.71 2.41 24.96
C LEU B 283 4.57 2.51 23.96
N LEU B 284 4.47 1.53 23.09
CA LEU B 284 3.44 1.49 22.05
C LEU B 284 2.61 0.25 22.26
N VAL B 285 1.29 0.40 22.30
CA VAL B 285 0.38 -0.69 22.60
C VAL B 285 -0.50 -0.89 21.37
N PHE B 286 -0.21 -1.93 20.60
CA PHE B 286 -0.77 -2.14 19.28
C PHE B 286 -1.81 -3.24 19.34
N THR B 287 -3.05 -2.92 18.95
CA THR B 287 -4.17 -3.85 19.05
C THR B 287 -4.66 -4.24 17.67
N SER B 288 -4.94 -5.52 17.49
CA SER B 288 -5.39 -6.04 16.20
C SER B 288 -5.83 -7.48 16.38
N ASP B 289 -6.55 -7.99 15.37
CA ASP B 289 -6.97 -9.38 15.35
C ASP B 289 -6.79 -10.00 13.98
N ASP B 290 -5.77 -9.59 13.24
CA ASP B 290 -5.54 -10.10 11.90
C ASP B 290 -4.05 -10.05 11.58
N THR B 291 -3.65 -10.83 10.58
CA THR B 291 -2.30 -10.77 10.07
C THR B 291 -2.04 -9.38 9.49
N PHE B 292 -0.77 -9.08 9.23
CA PHE B 292 -0.39 -7.77 8.73
C PHE B 292 0.16 -7.86 7.31
N HIS B 293 -0.07 -6.82 6.53
CA HIS B 293 0.59 -6.66 5.25
C HIS B 293 2.05 -6.31 5.46
N THR B 294 2.89 -6.76 4.53
CA THR B 294 4.30 -6.45 4.55
C THR B 294 4.72 -5.99 3.17
N ALA B 295 5.97 -5.52 3.07
CA ALA B 295 6.46 -5.03 1.80
C ALA B 295 6.35 -6.12 0.74
N GLY B 296 5.80 -5.75 -0.41
CA GLY B 296 5.55 -6.70 -1.47
C GLY B 296 4.08 -6.86 -1.75
N ASP B 297 3.25 -6.62 -0.72
CA ASP B 297 1.81 -6.70 -0.90
C ASP B 297 1.28 -5.54 -1.73
N GLY B 298 1.94 -4.38 -1.65
CA GLY B 298 1.51 -3.25 -2.43
C GLY B 298 1.53 -3.49 -3.92
N LYS B 299 2.35 -4.43 -4.39
CA LYS B 299 2.41 -4.74 -5.81
C LYS B 299 1.03 -5.11 -6.34
N LEU B 300 0.21 -5.75 -5.50
CA LEU B 300 -1.12 -6.15 -5.95
C LEU B 300 -2.00 -4.94 -6.24
N GLY B 301 -1.81 -3.85 -5.52
CA GLY B 301 -2.54 -2.63 -5.76
C GLY B 301 -1.87 -1.66 -6.70
N GLY B 302 -0.79 -2.05 -7.35
CA GLY B 302 -0.11 -1.18 -8.28
C GLY B 302 0.83 -0.17 -7.65
N ILE B 303 1.14 -0.32 -6.38
CA ILE B 303 2.01 0.62 -5.68
C ILE B 303 3.44 0.11 -5.84
N PHE B 304 4.23 0.85 -6.63
CA PHE B 304 5.60 0.42 -6.91
C PHE B 304 6.60 1.13 -6.03
N MET B 305 6.38 2.39 -5.72
CA MET B 305 7.32 3.17 -4.92
C MET B 305 7.59 2.48 -3.60
N PRO B 306 8.83 2.09 -3.31
CA PRO B 306 9.14 1.59 -1.97
C PRO B 306 8.89 2.67 -0.93
N SER B 307 8.51 2.23 0.26
CA SER B 307 8.32 3.18 1.36
C SER B 307 9.63 3.88 1.65
N ASP B 308 9.52 5.10 2.17
CA ASP B 308 10.67 5.88 2.57
C ASP B 308 10.49 6.34 4.01
N GLY B 309 11.61 6.50 4.71
CA GLY B 309 11.57 6.88 6.10
C GLY B 309 11.40 8.37 6.31
N HIS B 310 10.19 8.88 6.09
CA HIS B 310 9.87 10.27 6.33
C HIS B 310 8.45 10.41 6.84
N CYS B 311 8.19 11.50 7.55
CA CYS B 311 6.87 11.75 8.11
C CYS B 311 5.92 12.27 7.02
N HIS B 312 4.69 11.77 7.03
CA HIS B 312 3.69 12.13 6.03
C HIS B 312 2.32 12.33 6.67
N LEU B 313 2.25 13.03 7.79
CA LEU B 313 0.98 13.29 8.44
C LEU B 313 0.47 14.67 8.08
N ASP B 314 -0.75 14.73 7.56
CA ASP B 314 -1.40 15.99 7.24
C ASP B 314 -1.71 16.76 8.52
N SER B 315 -2.29 17.94 8.36
CA SER B 315 -2.63 18.77 9.51
C SER B 315 -3.75 18.15 10.33
N ASN B 316 -4.67 17.44 9.68
CA ASN B 316 -5.76 16.78 10.39
C ASN B 316 -5.36 15.42 10.96
N GLY B 317 -4.14 14.96 10.70
CA GLY B 317 -3.65 13.73 11.27
C GLY B 317 -3.67 12.53 10.34
N LEU B 318 -4.29 12.63 9.18
CA LEU B 318 -4.39 11.50 8.27
C LEU B 318 -3.09 11.28 7.52
N TYR B 319 -2.78 10.02 7.26
CA TYR B 319 -1.67 9.64 6.39
C TYR B 319 -2.21 9.58 4.97
N SER B 320 -2.37 10.77 4.38
CA SER B 320 -3.10 10.90 3.12
C SER B 320 -2.39 10.18 1.98
N ARG B 321 -1.07 10.31 1.90
CA ARG B 321 -0.34 9.78 0.75
C ARG B 321 -0.13 8.28 0.79
N SER B 322 -0.85 7.56 1.65
CA SER B 322 -0.57 6.13 1.83
C SER B 322 -0.67 5.38 0.52
N THR B 323 -1.61 5.74 -0.35
CA THR B 323 -1.87 4.98 -1.55
C THR B 323 -0.68 4.94 -2.50
N GLU B 324 0.30 5.83 -2.32
CA GLU B 324 1.40 5.95 -3.25
C GLU B 324 2.64 5.18 -2.83
N PHE B 325 2.72 4.69 -1.58
CA PHE B 325 3.89 3.99 -1.08
C PHE B 325 3.53 2.59 -0.64
N ASP B 326 4.52 1.69 -0.70
CA ASP B 326 4.34 0.31 -0.30
C ASP B 326 4.41 0.18 1.23
N TYR B 327 3.84 -0.89 1.75
CA TYR B 327 3.92 -1.14 3.18
C TYR B 327 5.37 -1.43 3.57
N PRO B 328 5.77 -1.06 4.79
CA PRO B 328 7.15 -1.26 5.18
C PRO B 328 7.46 -2.72 5.48
N SER B 329 8.72 -3.07 5.33
CA SER B 329 9.19 -4.40 5.67
C SER B 329 9.44 -4.49 7.16
N VAL B 330 9.40 -5.72 7.69
CA VAL B 330 9.63 -5.91 9.12
C VAL B 330 11.01 -5.38 9.51
N GLY B 331 11.97 -5.44 8.60
CA GLY B 331 13.27 -4.88 8.88
C GLY B 331 13.23 -3.38 9.11
N GLN B 332 12.51 -2.66 8.25
CA GLN B 332 12.39 -1.23 8.41
C GLN B 332 11.68 -0.88 9.71
N VAL B 333 10.62 -1.61 10.05
CA VAL B 333 9.88 -1.34 11.28
C VAL B 333 10.79 -1.57 12.49
N ALA B 334 11.54 -2.67 12.48
CA ALA B 334 12.45 -2.94 13.59
C ALA B 334 13.50 -1.85 13.71
N GLN B 335 14.07 -1.44 12.59
CA GLN B 335 15.09 -0.39 12.60
C GLN B 335 14.53 0.92 13.13
N ALA B 336 13.31 1.29 12.71
CA ALA B 336 12.73 2.55 13.14
C ALA B 336 12.40 2.52 14.64
N LEU B 337 11.77 1.45 15.11
CA LEU B 337 11.47 1.35 16.53
C LEU B 337 12.74 1.37 17.36
N SER B 338 13.77 0.66 16.92
CA SER B 338 15.04 0.68 17.65
C SER B 338 15.64 2.09 17.67
N ALA B 339 15.61 2.78 16.54
CA ALA B 339 16.18 4.12 16.48
C ALA B 339 15.47 5.10 17.40
N ALA B 340 14.18 4.90 17.63
CA ALA B 340 13.38 5.79 18.47
C ALA B 340 13.18 5.26 19.88
N ASN B 341 13.75 4.11 20.23
CA ASN B 341 13.69 3.54 21.57
C ASN B 341 12.26 3.22 22.01
N ILE B 342 11.41 2.78 21.09
CA ILE B 342 10.02 2.47 21.43
C ILE B 342 9.90 0.96 21.63
N GLN B 343 9.30 0.56 22.75
CA GLN B 343 9.04 -0.85 23.01
C GLN B 343 7.60 -1.17 22.63
N PRO B 344 7.36 -1.98 21.59
CA PRO B 344 5.98 -2.36 21.27
C PRO B 344 5.46 -3.48 22.14
N ILE B 345 4.15 -3.51 22.32
CA ILE B 345 3.46 -4.50 23.13
C ILE B 345 2.18 -4.86 22.37
N PHE B 346 2.19 -6.00 21.71
CA PHE B 346 1.07 -6.38 20.84
C PHE B 346 0.00 -7.08 21.67
N ALA B 347 -1.07 -6.37 21.96
CA ALA B 347 -2.25 -6.95 22.60
C ALA B 347 -3.15 -7.46 21.49
N VAL B 348 -3.01 -8.74 21.16
CA VAL B 348 -3.65 -9.31 19.98
C VAL B 348 -4.57 -10.44 20.40
N THR B 349 -5.54 -10.72 19.55
CA THR B 349 -6.55 -11.72 19.87
C THR B 349 -5.93 -13.10 19.93
N SER B 350 -6.60 -14.02 20.63
CA SER B 350 -6.06 -15.35 20.81
C SER B 350 -5.92 -16.11 19.49
N ALA B 351 -6.55 -15.63 18.42
CA ALA B 351 -6.43 -16.29 17.12
C ALA B 351 -5.30 -15.71 16.28
N ALA B 352 -5.08 -14.41 16.34
CA ALA B 352 -3.96 -13.80 15.63
C ALA B 352 -2.67 -13.84 16.42
N LEU B 353 -2.72 -14.38 17.64
CA LEU B 353 -1.52 -14.44 18.48
C LEU B 353 -0.39 -15.26 17.88
N PRO B 354 -0.62 -16.43 17.28
CA PRO B 354 0.50 -17.19 16.71
C PRO B 354 1.26 -16.43 15.63
N VAL B 355 0.60 -15.57 14.85
CA VAL B 355 1.29 -14.78 13.85
C VAL B 355 2.19 -13.75 14.51
N TYR B 356 1.73 -13.15 15.61
CA TYR B 356 2.50 -12.08 16.26
C TYR B 356 3.53 -12.62 17.23
N GLN B 357 3.49 -13.90 17.57
CA GLN B 357 4.50 -14.43 18.47
C GLN B 357 5.81 -14.70 17.74
N GLU B 358 5.78 -14.77 16.41
CA GLU B 358 7.00 -14.83 15.63
C GLU B 358 7.56 -13.44 15.37
N LEU B 359 6.67 -12.44 15.25
CA LEU B 359 7.11 -11.06 15.11
C LEU B 359 7.85 -10.60 16.36
N SER B 360 7.41 -11.06 17.53
CA SER B 360 8.08 -10.69 18.77
C SER B 360 9.55 -11.11 18.78
N LYS B 361 9.91 -12.15 18.01
CA LYS B 361 11.29 -12.60 17.99
C LYS B 361 12.18 -11.69 17.16
N LEU B 362 11.63 -11.03 16.15
CA LEU B 362 12.41 -10.15 15.29
C LEU B 362 12.58 -8.76 15.89
N ILE B 363 11.51 -8.15 16.35
CA ILE B 363 11.59 -6.90 17.11
C ILE B 363 12.05 -7.29 18.52
N PRO B 364 13.29 -6.98 18.90
CA PRO B 364 13.85 -7.65 20.09
C PRO B 364 13.07 -7.40 21.37
N LYS B 365 12.90 -6.15 21.78
CA LYS B 365 12.42 -5.84 23.11
C LYS B 365 10.91 -5.98 23.27
N SER B 366 10.21 -6.44 22.24
CA SER B 366 8.76 -6.44 22.26
C SER B 366 8.23 -7.53 23.18
N ALA B 367 6.92 -7.48 23.41
CA ALA B 367 6.19 -8.50 24.12
C ALA B 367 4.83 -8.68 23.45
N VAL B 368 4.29 -9.89 23.53
CA VAL B 368 3.01 -10.21 22.93
C VAL B 368 2.11 -10.79 24.00
N GLY B 369 0.86 -10.34 24.01
CA GLY B 369 -0.11 -10.85 24.96
C GLY B 369 -1.42 -11.15 24.26
N GLU B 370 -2.36 -11.66 25.04
CA GLU B 370 -3.69 -11.98 24.54
C GLU B 370 -4.69 -11.01 25.13
N LEU B 371 -5.43 -10.32 24.25
CA LEU B 371 -6.44 -9.36 24.66
C LEU B 371 -7.69 -10.10 25.13
N SER B 372 -7.64 -10.67 26.33
CA SER B 372 -8.73 -11.49 26.83
C SER B 372 -9.85 -10.63 27.39
N GLU B 373 -10.87 -11.30 27.95
CA GLU B 373 -11.96 -10.59 28.57
C GLU B 373 -11.54 -9.98 29.91
N ASP B 374 -10.52 -10.53 30.56
CA ASP B 374 -10.07 -9.99 31.83
C ASP B 374 -9.07 -8.86 31.65
N SER B 375 -8.17 -8.99 30.68
CA SER B 375 -7.17 -7.98 30.31
C SER B 375 -6.35 -7.52 31.50
N SER B 376 -5.93 -8.43 32.39
CA SER B 376 -4.92 -8.08 33.39
C SER B 376 -3.52 -8.49 32.94
N ASN B 377 -3.42 -9.52 32.10
CA ASN B 377 -2.11 -9.97 31.64
C ASN B 377 -1.40 -8.89 30.84
N VAL B 378 -2.12 -8.18 29.99
CA VAL B 378 -1.49 -7.12 29.20
C VAL B 378 -1.04 -5.99 30.09
N VAL B 379 -1.85 -5.62 31.08
CA VAL B 379 -1.44 -4.58 32.02
C VAL B 379 -0.19 -5.00 32.76
N GLN B 380 -0.10 -6.27 33.14
CA GLN B 380 1.10 -6.76 33.81
C GLN B 380 2.31 -6.69 32.89
N LEU B 381 2.14 -7.05 31.62
CA LEU B 381 3.24 -6.89 30.67
C LEU B 381 3.71 -5.44 30.60
N ILE B 382 2.77 -4.50 30.54
CA ILE B 382 3.14 -3.09 30.43
C ILE B 382 3.82 -2.60 31.71
N MET B 383 3.40 -3.12 32.86
CA MET B 383 4.10 -2.78 34.09
C MET B 383 5.51 -3.36 34.11
N ASP B 384 5.70 -4.57 33.57
CA ASP B 384 7.04 -5.14 33.51
C ASP B 384 7.93 -4.33 32.57
N ALA B 385 7.37 -3.84 31.46
CA ALA B 385 8.14 -2.97 30.58
C ALA B 385 8.55 -1.68 31.30
N TYR B 386 7.63 -1.08 32.04
CA TYR B 386 7.93 0.15 32.77
C TYR B 386 9.00 -0.09 33.84
N ASN B 387 8.92 -1.23 34.53
CA ASN B 387 9.87 -1.58 35.57
C ASN B 387 11.24 -1.96 35.02
N SER B 388 11.40 -2.06 33.71
CA SER B 388 12.72 -2.30 33.14
C SER B 388 13.59 -1.05 33.16
N LEU B 389 12.99 0.12 33.28
CA LEU B 389 13.75 1.37 33.21
C LEU B 389 14.75 1.46 34.35
N SER B 390 16.00 1.76 33.99
CA SER B 390 17.10 1.84 34.95
C SER B 390 17.87 3.12 34.67
N SER B 391 18.72 3.51 35.62
CA SER B 391 19.45 4.77 35.55
C SER B 391 20.89 4.59 36.04
N THR B 392 21.76 5.45 35.54
CA THR B 392 23.15 5.56 36.01
C THR B 392 23.32 6.93 36.64
N VAL B 393 23.52 6.95 37.95
CA VAL B 393 23.58 8.19 38.73
C VAL B 393 25.03 8.63 38.83
N THR B 394 25.28 9.92 38.56
CA THR B 394 26.61 10.50 38.65
C THR B 394 26.57 11.72 39.55
N LEU B 395 27.67 11.99 40.23
CA LEU B 395 27.75 13.09 41.19
C LEU B 395 28.37 14.30 40.50
N GLU B 396 27.55 15.32 40.26
CA GLU B 396 28.05 16.59 39.75
C GLU B 396 28.67 17.40 40.90
N HIS B 397 29.52 18.35 40.53
CA HIS B 397 30.18 19.20 41.52
C HIS B 397 30.47 20.55 40.91
N SER B 398 30.63 21.55 41.77
CA SER B 398 30.90 22.91 41.33
C SER B 398 32.40 23.11 41.13
N SER B 399 32.73 24.18 40.39
CA SER B 399 34.12 24.51 40.13
C SER B 399 34.83 24.82 41.44
N LEU B 400 36.02 24.24 41.63
CA LEU B 400 36.77 24.42 42.85
C LEU B 400 37.53 25.75 42.82
N PRO B 401 37.84 26.30 44.00
CA PRO B 401 38.70 27.50 44.04
C PRO B 401 40.13 27.14 43.74
N PRO B 402 41.01 28.13 43.56
CA PRO B 402 42.41 27.82 43.23
C PRO B 402 43.05 26.90 44.26
N GLY B 403 43.74 25.87 43.76
CA GLY B 403 44.50 24.98 44.60
C GLY B 403 43.75 23.81 45.20
N VAL B 404 42.43 23.75 45.05
CA VAL B 404 41.63 22.69 45.66
C VAL B 404 41.40 21.58 44.65
N HIS B 405 41.22 20.36 45.15
CA HIS B 405 41.04 19.19 44.32
C HIS B 405 39.92 18.34 44.91
N ILE B 406 39.49 17.33 44.15
CA ILE B 406 38.39 16.48 44.56
C ILE B 406 38.49 15.15 43.82
N SER B 407 37.88 14.12 44.41
CA SER B 407 37.85 12.79 43.82
C SER B 407 36.57 12.09 44.28
N TYR B 408 36.37 10.87 43.78
CA TYR B 408 35.15 10.12 44.05
C TYR B 408 35.44 8.66 44.32
N GLU B 409 34.49 8.01 44.97
CA GLU B 409 34.45 6.56 45.15
C GLU B 409 32.99 6.15 45.19
N SER B 410 32.71 4.92 44.76
CA SER B 410 31.33 4.43 44.69
C SER B 410 31.25 2.98 45.16
N GLN B 411 30.06 2.61 45.63
CA GLN B 411 29.77 1.24 46.03
C GLN B 411 28.33 0.92 45.64
N CYS B 412 28.15 -0.22 45.00
CA CYS B 412 26.82 -0.67 44.57
C CYS B 412 26.19 -1.48 45.70
N GLU B 413 25.05 -2.11 45.41
CA GLU B 413 24.46 -3.04 46.37
C GLU B 413 25.43 -4.18 46.65
N GLY B 414 25.66 -4.44 47.93
CA GLY B 414 26.65 -5.41 48.34
C GLY B 414 28.05 -4.82 48.34
N PRO B 415 29.06 -5.66 48.53
CA PRO B 415 30.44 -5.15 48.60
C PRO B 415 31.01 -4.67 47.27
N GLU B 416 30.27 -4.80 46.18
CA GLU B 416 30.80 -4.50 44.85
C GLU B 416 31.25 -3.05 44.77
N LYS B 417 32.44 -2.82 44.23
CA LYS B 417 32.93 -1.49 43.91
C LYS B 417 33.01 -1.33 42.39
N ARG B 418 33.55 -0.19 41.96
CA ARG B 418 33.90 0.03 40.56
C ARG B 418 35.42 0.16 40.45
N GLU B 419 36.01 -0.66 39.57
CA GLU B 419 37.46 -0.72 39.45
C GLU B 419 38.05 0.48 38.70
N GLY B 420 37.24 1.20 37.93
CA GLY B 420 37.74 2.38 37.24
C GLY B 420 37.99 3.50 38.22
N LYS B 421 39.24 3.93 38.36
CA LYS B 421 39.61 4.87 39.39
C LYS B 421 39.17 6.29 39.03
N ALA B 422 39.25 7.18 40.02
CA ALA B 422 39.03 8.60 39.83
C ALA B 422 37.61 8.92 39.36
N GLU B 423 37.47 9.64 38.25
CA GLU B 423 36.16 10.13 37.84
C GLU B 423 35.17 9.00 37.59
N ASP B 424 35.68 7.82 37.22
CA ASP B 424 34.79 6.69 36.99
C ASP B 424 34.03 6.29 38.25
N ARG B 425 34.70 6.31 39.40
CA ARG B 425 34.04 5.98 40.66
C ARG B 425 33.06 7.04 41.12
N GLY B 426 32.90 8.13 40.36
CA GLY B 426 31.85 9.08 40.63
C GLY B 426 30.49 8.70 40.08
N GLN B 427 30.39 7.52 39.47
CA GLN B 427 29.15 7.06 38.86
C GLN B 427 28.82 5.67 39.39
N CYS B 428 27.52 5.40 39.52
CA CYS B 428 27.01 4.07 39.84
C CYS B 428 25.89 3.76 38.87
N ASN B 429 25.74 2.49 38.53
CA ASN B 429 24.85 2.07 37.45
C ASN B 429 23.89 1.00 37.94
N HIS B 430 22.85 0.77 37.14
CA HIS B 430 21.88 -0.30 37.36
C HIS B 430 21.02 -0.03 38.59
N VAL B 431 20.56 1.21 38.76
CA VAL B 431 19.64 1.54 39.84
C VAL B 431 18.22 1.49 39.31
N ARG B 432 17.34 0.81 40.05
CA ARG B 432 15.93 0.69 39.69
C ARG B 432 15.09 1.17 40.85
N ILE B 433 13.77 0.95 40.76
CA ILE B 433 12.84 1.58 41.68
C ILE B 433 13.14 1.16 43.11
N ASN B 434 13.35 2.16 43.98
CA ASN B 434 13.60 2.00 45.40
C ASN B 434 14.93 1.33 45.71
N GLN B 435 15.82 1.22 44.73
CA GLN B 435 17.17 0.76 44.99
C GLN B 435 18.06 1.94 45.40
N THR B 436 19.16 1.63 46.08
CA THR B 436 20.03 2.64 46.65
C THR B 436 21.49 2.32 46.36
N VAL B 437 22.29 3.38 46.27
CA VAL B 437 23.73 3.28 46.10
C VAL B 437 24.39 4.32 47.00
N THR B 438 25.70 4.23 47.14
CA THR B 438 26.45 5.07 48.05
C THR B 438 27.75 5.55 47.39
N PHE B 439 28.28 6.66 47.91
CA PHE B 439 29.49 7.27 47.38
C PHE B 439 30.31 7.87 48.51
N TRP B 440 31.59 8.07 48.25
CA TRP B 440 32.48 8.85 49.09
C TRP B 440 33.22 9.86 48.23
N VAL B 441 33.23 11.11 48.69
CA VAL B 441 33.87 12.21 47.98
C VAL B 441 35.00 12.75 48.84
N SER B 442 36.21 12.81 48.27
CA SER B 442 37.40 13.25 48.98
C SER B 442 37.81 14.62 48.46
N LEU B 443 38.17 15.51 49.38
CA LEU B 443 38.58 16.87 49.05
C LEU B 443 39.99 17.10 49.57
N GLN B 444 40.75 17.92 48.86
CA GLN B 444 42.14 18.17 49.22
C GLN B 444 42.49 19.61 48.86
N ALA B 445 43.51 20.13 49.52
CA ALA B 445 43.98 21.50 49.32
C ALA B 445 45.49 21.50 49.15
N THR B 446 45.97 22.30 48.20
CA THR B 446 47.40 22.49 48.00
C THR B 446 47.92 23.74 48.68
N HIS B 447 47.17 24.84 48.60
CA HIS B 447 47.52 26.07 49.28
C HIS B 447 46.25 26.88 49.48
N CYS B 448 46.33 27.83 50.41
CA CYS B 448 45.18 28.67 50.72
C CYS B 448 45.29 30.02 50.03
N LEU B 449 44.14 30.58 49.68
CA LEU B 449 44.06 31.91 49.10
C LEU B 449 42.85 32.63 49.69
N PRO B 450 41.63 32.12 49.51
CA PRO B 450 40.53 32.56 50.37
C PRO B 450 40.38 31.62 51.56
N GLU B 451 40.13 32.21 52.73
CA GLU B 451 39.95 31.39 53.92
C GLU B 451 38.58 30.71 53.86
N PRO B 452 37.48 31.45 53.77
CA PRO B 452 36.18 30.79 53.59
C PRO B 452 35.84 30.58 52.12
N HIS B 453 35.01 29.57 51.88
CA HIS B 453 34.51 29.29 50.54
C HIS B 453 33.34 28.33 50.66
N LEU B 454 32.66 28.10 49.54
CA LEU B 454 31.53 27.17 49.49
C LEU B 454 31.45 26.52 48.13
N LEU B 455 30.84 25.34 48.10
CA LEU B 455 30.66 24.56 46.87
C LEU B 455 29.33 23.83 46.97
N ARG B 456 28.94 23.20 45.86
CA ARG B 456 27.71 22.41 45.82
C ARG B 456 27.92 21.17 44.96
N LEU B 457 27.18 20.12 45.30
CA LEU B 457 27.17 18.87 44.54
C LEU B 457 25.74 18.37 44.47
N ARG B 458 25.53 17.30 43.70
CA ARG B 458 24.23 16.67 43.63
C ARG B 458 24.31 15.45 42.73
N ALA B 459 23.21 14.71 42.67
CA ALA B 459 23.07 13.67 41.66
C ALA B 459 22.80 14.31 40.30
N LEU B 460 23.10 13.57 39.24
CA LEU B 460 23.02 14.12 37.89
C LEU B 460 21.58 14.49 37.52
N GLY B 461 21.28 15.78 37.48
CA GLY B 461 19.99 16.26 37.04
C GLY B 461 18.88 16.22 38.07
N PHE B 462 19.20 15.97 39.34
CA PHE B 462 18.18 15.89 40.37
C PHE B 462 18.01 17.23 41.07
N SER B 463 16.79 17.46 41.58
CA SER B 463 16.48 18.70 42.27
C SER B 463 17.20 18.85 43.60
N GLU B 464 17.23 17.80 44.42
CA GLU B 464 17.92 17.86 45.69
C GLU B 464 19.42 17.99 45.47
N GLU B 465 20.09 18.67 46.40
CA GLU B 465 21.51 18.96 46.25
C GLU B 465 22.17 18.96 47.63
N LEU B 466 23.49 19.16 47.61
CA LEU B 466 24.32 19.15 48.81
C LEU B 466 25.14 20.43 48.84
N ILE B 467 25.47 20.88 50.04
CA ILE B 467 26.19 22.13 50.26
C ILE B 467 27.40 21.84 51.13
N VAL B 468 28.57 22.32 50.73
CA VAL B 468 29.81 22.10 51.45
C VAL B 468 30.44 23.46 51.72
N GLU B 469 30.85 23.69 52.97
CA GLU B 469 31.51 24.92 53.36
C GLU B 469 32.97 24.63 53.66
N LEU B 470 33.87 25.27 52.92
CA LEU B 470 35.30 25.04 53.05
C LEU B 470 35.95 26.13 53.88
N HIS B 471 36.99 25.77 54.63
CA HIS B 471 37.79 26.71 55.40
C HIS B 471 39.25 26.28 55.26
N THR B 472 39.96 26.87 54.30
CA THR B 472 41.35 26.52 54.03
C THR B 472 42.25 27.51 54.76
N LEU B 473 43.24 26.97 55.48
CA LEU B 473 44.11 27.78 56.33
C LEU B 473 45.55 27.40 56.10
N CYS B 474 46.44 28.41 56.13
CA CYS B 474 47.87 28.20 56.05
C CYS B 474 48.59 28.54 57.35
N ASP B 475 48.11 29.55 58.05
CA ASP B 475 48.78 30.04 59.25
C ASP B 475 48.61 29.05 60.40
N CYS B 476 49.47 29.20 61.40
CA CYS B 476 49.42 28.36 62.57
C CYS B 476 48.22 28.73 63.44
N ASN B 477 47.97 27.89 64.45
CA ASN B 477 46.85 28.11 65.36
C ASN B 477 47.04 29.41 66.13
N ASP C 115 -66.94 14.95 -6.08
CA ASP C 115 -67.92 14.42 -5.10
C ASP C 115 -69.05 15.43 -4.91
N TRP C 116 -70.18 14.95 -4.39
CA TRP C 116 -71.36 15.78 -4.19
C TRP C 116 -72.17 15.23 -3.03
N VAL C 117 -73.03 16.06 -2.47
CA VAL C 117 -73.92 15.69 -1.38
C VAL C 117 -75.31 16.21 -1.72
N ILE C 118 -76.16 15.34 -2.25
CA ILE C 118 -77.45 15.75 -2.79
C ILE C 118 -78.51 14.73 -2.37
N PRO C 119 -79.62 15.13 -1.76
CA PRO C 119 -80.72 14.20 -1.57
C PRO C 119 -81.55 14.07 -2.84
N PRO C 120 -82.49 13.13 -2.90
CA PRO C 120 -83.39 13.07 -4.04
C PRO C 120 -84.12 14.40 -4.20
N ILE C 121 -84.51 14.70 -5.44
CA ILE C 121 -84.90 16.04 -5.84
C ILE C 121 -86.30 16.00 -6.43
N SER C 122 -87.12 17.00 -6.08
CA SER C 122 -88.46 17.15 -6.63
C SER C 122 -89.02 18.52 -6.27
N CYS C 123 -89.91 19.03 -7.13
CA CYS C 123 -90.59 20.31 -6.91
C CYS C 123 -92.04 20.16 -7.30
N PRO C 124 -92.99 20.33 -6.37
CA PRO C 124 -94.40 20.08 -6.70
C PRO C 124 -94.90 20.97 -7.82
N GLU C 125 -96.14 20.71 -8.24
CA GLU C 125 -96.75 21.48 -9.32
C GLU C 125 -97.28 22.82 -8.84
N ASN C 126 -97.11 23.83 -9.70
CA ASN C 126 -97.94 25.03 -9.71
C ASN C 126 -98.18 25.57 -8.30
N GLU C 127 -97.10 25.95 -7.63
CA GLU C 127 -97.20 26.50 -6.29
C GLU C 127 -97.69 27.94 -6.32
N LYS C 128 -97.97 28.47 -5.13
CA LYS C 128 -98.19 29.90 -4.98
C LYS C 128 -96.87 30.61 -4.76
N GLY C 129 -96.76 31.83 -5.28
CA GLY C 129 -95.57 32.63 -5.10
C GLY C 129 -95.38 33.01 -3.65
N PRO C 130 -94.57 34.06 -3.39
CA PRO C 130 -93.67 34.75 -4.32
C PRO C 130 -92.40 33.94 -4.59
N PHE C 131 -91.44 34.49 -5.32
CA PHE C 131 -90.27 33.78 -5.79
C PHE C 131 -89.01 34.58 -5.49
N PRO C 132 -87.84 33.92 -5.46
CA PRO C 132 -87.58 32.47 -5.65
C PRO C 132 -87.89 31.63 -4.42
N LYS C 133 -87.85 30.31 -4.58
CA LYS C 133 -88.08 29.36 -3.51
C LYS C 133 -86.96 28.33 -3.53
N ASN C 134 -86.54 27.88 -2.35
CA ASN C 134 -85.40 26.98 -2.24
C ASN C 134 -85.86 25.52 -2.24
N LEU C 135 -85.32 24.72 -3.16
CA LEU C 135 -85.61 23.30 -3.23
C LEU C 135 -84.54 22.47 -2.55
N VAL C 136 -83.32 22.47 -3.08
CA VAL C 136 -82.23 21.66 -2.54
C VAL C 136 -80.93 22.45 -2.75
N GLN C 137 -79.85 21.93 -2.19
CA GLN C 137 -78.54 22.55 -2.28
C GLN C 137 -77.61 21.63 -3.05
N ILE C 138 -76.97 22.18 -4.09
CA ILE C 138 -75.93 21.49 -4.83
C ILE C 138 -74.58 21.76 -4.16
N LYS C 139 -74.19 20.89 -3.22
CA LYS C 139 -72.98 21.10 -2.43
C LYS C 139 -71.82 20.35 -3.05
N SER C 140 -70.72 21.05 -3.29
CA SER C 140 -69.49 20.41 -3.74
C SER C 140 -68.78 19.75 -2.56
N ASN C 141 -67.51 19.45 -2.75
CA ASN C 141 -66.74 18.74 -1.73
C ASN C 141 -65.46 19.46 -1.35
N LYS C 142 -64.72 19.97 -2.32
CA LYS C 142 -63.46 20.63 -2.01
C LYS C 142 -63.66 22.00 -1.38
N ASP C 143 -64.86 22.33 -0.91
CA ASP C 143 -65.09 23.66 -0.38
C ASP C 143 -64.28 23.93 0.88
N LYS C 144 -63.79 22.90 1.56
CA LYS C 144 -62.99 23.12 2.76
C LYS C 144 -61.69 23.85 2.45
N GLU C 145 -61.28 23.86 1.19
CA GLU C 145 -60.16 24.67 0.76
C GLU C 145 -60.59 25.99 0.12
N GLY C 146 -61.88 26.15 -0.18
CA GLY C 146 -62.42 27.47 -0.43
C GLY C 146 -63.02 27.75 -1.79
N LYS C 147 -64.19 28.42 -1.78
CA LYS C 147 -64.71 29.14 -2.94
C LYS C 147 -64.88 28.25 -4.17
N VAL C 148 -65.79 27.28 -4.06
CA VAL C 148 -66.16 26.44 -5.21
C VAL C 148 -67.44 27.03 -5.81
N PHE C 149 -67.29 27.83 -6.86
CA PHE C 149 -68.41 28.47 -7.52
C PHE C 149 -69.13 27.50 -8.44
N TYR C 150 -70.30 27.92 -8.92
CA TYR C 150 -71.21 27.05 -9.65
C TYR C 150 -71.76 27.74 -10.89
N SER C 151 -72.21 26.94 -11.83
CA SER C 151 -73.06 27.42 -12.92
C SER C 151 -73.90 26.28 -13.44
N ILE C 152 -75.14 26.21 -12.99
CA ILE C 152 -76.08 25.24 -13.54
C ILE C 152 -76.22 25.45 -15.04
N THR C 153 -76.50 24.37 -15.76
CA THR C 153 -76.70 24.42 -17.20
C THR C 153 -77.78 23.42 -17.58
N GLY C 154 -77.84 23.10 -18.87
CA GLY C 154 -78.76 22.11 -19.39
C GLY C 154 -80.12 22.71 -19.69
N GLN C 155 -80.94 21.91 -20.36
CA GLN C 155 -82.27 22.35 -20.72
C GLN C 155 -83.07 22.60 -19.45
N GLY C 156 -83.53 23.84 -19.26
CA GLY C 156 -84.20 24.26 -18.05
C GLY C 156 -83.53 25.42 -17.35
N ALA C 157 -82.21 25.60 -17.50
CA ALA C 157 -81.51 26.71 -16.85
C ALA C 157 -80.92 27.67 -17.87
N ASP C 158 -80.08 27.16 -18.77
CA ASP C 158 -79.42 27.97 -19.79
C ASP C 158 -79.82 27.56 -21.20
N THR C 159 -81.02 27.03 -21.38
CA THR C 159 -81.56 26.66 -22.67
C THR C 159 -83.06 26.50 -22.51
N PRO C 160 -83.86 26.89 -23.50
CA PRO C 160 -85.31 26.95 -23.27
C PRO C 160 -85.84 25.63 -22.76
N PRO C 161 -86.80 25.66 -21.82
CA PRO C 161 -87.41 26.85 -21.18
C PRO C 161 -86.38 27.59 -20.33
N VAL C 162 -86.29 28.90 -20.51
CA VAL C 162 -85.14 29.65 -20.02
C VAL C 162 -85.23 29.83 -18.51
N GLY C 163 -84.13 29.53 -17.83
CA GLY C 163 -83.95 29.90 -16.45
C GLY C 163 -85.11 29.54 -15.55
N VAL C 164 -85.82 28.46 -15.86
CA VAL C 164 -86.85 28.02 -14.94
C VAL C 164 -86.23 27.67 -13.60
N PHE C 165 -85.03 27.08 -13.62
CA PHE C 165 -84.25 26.82 -12.41
C PHE C 165 -82.91 27.51 -12.53
N ILE C 166 -82.52 28.22 -11.47
CA ILE C 166 -81.26 28.95 -11.39
C ILE C 166 -80.66 28.68 -10.01
N ILE C 167 -79.34 28.77 -9.92
CA ILE C 167 -78.63 28.49 -8.69
C ILE C 167 -77.85 29.74 -8.28
N GLU C 168 -77.83 30.01 -6.98
CA GLU C 168 -76.95 31.05 -6.46
C GLU C 168 -75.50 30.59 -6.61
N ARG C 169 -74.60 31.53 -6.89
CA ARG C 169 -73.27 31.15 -7.34
C ARG C 169 -72.36 30.64 -6.23
N GLU C 170 -72.55 31.09 -4.98
CA GLU C 170 -71.65 30.69 -3.90
C GLU C 170 -72.26 29.66 -2.97
N THR C 171 -73.51 29.86 -2.56
CA THR C 171 -74.14 28.96 -1.61
C THR C 171 -74.53 27.62 -2.24
N GLY C 172 -75.08 27.64 -3.45
CA GLY C 172 -75.52 26.43 -4.08
C GLY C 172 -77.02 26.21 -4.04
N TRP C 173 -77.78 27.19 -3.58
CA TRP C 173 -79.23 26.98 -3.51
C TRP C 173 -79.82 26.87 -4.90
N LEU C 174 -80.39 25.71 -5.21
CA LEU C 174 -81.22 25.56 -6.40
C LEU C 174 -82.57 26.16 -6.10
N LYS C 175 -82.96 27.16 -6.87
CA LYS C 175 -84.22 27.86 -6.67
C LYS C 175 -85.15 27.66 -7.87
N VAL C 176 -86.43 27.52 -7.58
CA VAL C 176 -87.45 27.55 -8.63
C VAL C 176 -87.83 29.00 -8.89
N THR C 177 -87.87 29.39 -10.16
CA THR C 177 -88.14 30.77 -10.52
C THR C 177 -89.62 31.07 -10.72
N GLU C 178 -90.37 30.20 -11.37
CA GLU C 178 -91.79 30.44 -11.59
C GLU C 178 -92.55 29.11 -11.50
N PRO C 179 -93.87 29.15 -11.32
CA PRO C 179 -94.61 27.93 -11.00
C PRO C 179 -94.49 26.87 -12.09
N LEU C 180 -94.71 25.61 -11.69
CA LEU C 180 -94.48 24.46 -12.54
C LEU C 180 -95.77 23.75 -12.93
N ASP C 181 -95.67 22.89 -13.94
CA ASP C 181 -96.60 21.80 -14.16
C ASP C 181 -95.87 20.65 -14.83
N ARG C 182 -96.03 19.44 -14.30
CA ARG C 182 -95.51 18.25 -14.96
C ARG C 182 -96.13 18.10 -16.36
N GLU C 183 -97.44 18.26 -16.44
CA GLU C 183 -98.23 17.81 -17.58
C GLU C 183 -97.90 18.58 -18.87
N ARG C 184 -96.93 19.48 -18.82
CA ARG C 184 -96.27 20.04 -20.00
C ARG C 184 -94.90 19.43 -20.23
N ILE C 185 -94.12 19.26 -19.16
CA ILE C 185 -92.87 18.52 -19.19
C ILE C 185 -92.80 17.64 -17.94
N ALA C 186 -92.49 16.36 -18.13
CA ALA C 186 -92.49 15.41 -17.02
C ALA C 186 -91.28 15.60 -16.11
N THR C 187 -90.10 15.83 -16.69
CA THR C 187 -88.89 15.99 -15.92
C THR C 187 -87.98 17.00 -16.59
N TYR C 188 -87.10 17.60 -15.80
CA TYR C 188 -86.14 18.59 -16.26
C TYR C 188 -84.75 18.14 -15.85
N THR C 189 -84.00 17.60 -16.80
CA THR C 189 -82.63 17.16 -16.56
C THR C 189 -81.72 18.37 -16.56
N LEU C 190 -80.62 18.29 -15.81
CA LEU C 190 -79.77 19.43 -15.55
C LEU C 190 -78.36 18.94 -15.26
N PHE C 191 -77.43 19.87 -15.18
CA PHE C 191 -76.08 19.58 -14.72
C PHE C 191 -75.58 20.76 -13.89
N SER C 192 -74.31 20.71 -13.53
CA SER C 192 -73.67 21.80 -12.80
C SER C 192 -72.18 21.83 -13.12
N HIS C 193 -71.73 22.93 -13.71
CA HIS C 193 -70.31 23.25 -13.69
C HIS C 193 -69.93 23.73 -12.29
N ALA C 194 -68.69 23.46 -11.91
CA ALA C 194 -68.23 23.82 -10.58
C ALA C 194 -66.75 24.17 -10.67
N VAL C 195 -66.45 25.45 -10.56
CA VAL C 195 -65.11 25.95 -10.82
C VAL C 195 -64.59 26.67 -9.59
N SER C 196 -63.26 26.67 -9.45
CA SER C 196 -62.62 27.40 -8.36
C SER C 196 -62.32 28.83 -8.78
N SER C 197 -61.73 29.60 -7.87
CA SER C 197 -61.42 30.98 -8.14
C SER C 197 -60.28 31.15 -9.15
N ASN C 198 -59.51 30.09 -9.40
CA ASN C 198 -58.43 30.14 -10.37
C ASN C 198 -58.88 29.74 -11.77
N GLY C 199 -60.17 29.47 -11.98
CA GLY C 199 -60.69 29.13 -13.28
C GLY C 199 -60.68 27.65 -13.61
N ASN C 200 -59.94 26.83 -12.87
CA ASN C 200 -59.89 25.41 -13.16
C ASN C 200 -61.13 24.71 -12.62
N ALA C 201 -61.65 23.76 -13.40
CA ALA C 201 -62.78 22.98 -12.95
C ALA C 201 -62.39 22.09 -11.78
N VAL C 202 -63.36 21.78 -10.92
CA VAL C 202 -63.08 21.05 -9.68
C VAL C 202 -63.86 19.75 -9.68
N GLU C 203 -65.19 19.85 -9.68
CA GLU C 203 -66.08 18.71 -9.73
C GLU C 203 -66.69 18.58 -11.12
N ASP C 204 -66.64 17.38 -11.68
CA ASP C 204 -67.31 17.15 -12.95
C ASP C 204 -68.82 17.18 -12.75
N PRO C 205 -69.57 17.56 -13.77
CA PRO C 205 -71.02 17.70 -13.61
C PRO C 205 -71.70 16.39 -13.26
N MET C 206 -72.75 16.49 -12.44
CA MET C 206 -73.59 15.35 -12.08
C MET C 206 -75.01 15.64 -12.57
N GLU C 207 -75.61 14.64 -13.23
CA GLU C 207 -76.83 14.84 -14.00
C GLU C 207 -78.03 14.86 -13.07
N ILE C 208 -78.27 16.01 -12.44
CA ILE C 208 -79.51 16.19 -11.70
C ILE C 208 -80.68 15.85 -12.62
N LEU C 209 -81.75 15.33 -12.03
CA LEU C 209 -82.96 14.96 -12.76
C LEU C 209 -84.15 15.22 -11.84
N ILE C 210 -84.90 16.28 -12.11
CA ILE C 210 -85.98 16.70 -11.23
C ILE C 210 -87.32 16.28 -11.80
N THR C 211 -88.22 15.84 -10.93
CA THR C 211 -89.56 15.43 -11.30
C THR C 211 -90.55 16.38 -10.65
N VAL C 212 -91.41 16.98 -11.47
CA VAL C 212 -92.59 17.69 -10.98
C VAL C 212 -93.62 16.63 -10.63
N THR C 213 -93.79 16.36 -9.34
CA THR C 213 -94.56 15.22 -8.90
C THR C 213 -96.05 15.47 -9.05
N ASP C 214 -96.74 14.56 -9.74
CA ASP C 214 -98.05 14.87 -10.28
C ASP C 214 -99.04 15.12 -9.17
N GLN C 215 -100.05 15.93 -9.48
CA GLN C 215 -101.13 16.24 -8.57
C GLN C 215 -102.35 15.34 -8.80
N ASN C 216 -102.17 14.23 -9.52
CA ASN C 216 -103.22 13.26 -9.81
C ASN C 216 -104.32 13.86 -10.69
N ASP C 217 -104.07 15.01 -11.29
CA ASP C 217 -105.04 15.69 -12.16
C ASP C 217 -104.61 15.60 -13.62
#